data_3QPF
#
_entry.id   3QPF
#
_cell.length_a   60.040
_cell.length_b   101.610
_cell.length_c   158.890
_cell.angle_alpha   90.00
_cell.angle_beta   90.00
_cell.angle_gamma   90.00
#
_symmetry.space_group_name_H-M   'P 21 21 21'
#
loop_
_entity.id
_entity.type
_entity.pdbx_description
1 polymer 'Putative uncharacterized protein'
2 non-polymer 1,2-ETHANEDIOL
3 water water
#
_entity_poly.entity_id   1
_entity_poly.type   'polypeptide(L)'
_entity_poly.pdbx_seq_one_letter_code
;MVYSKEIVREWLDEVAERAKDYPEWVDVFERCYTDTLDNTVEILEDGSTFVLTGDIPAMWLRDSTAQLRPYLHVAKRDAL
LRQTIAGLVKRQMTLVLKDPYANSFNIEENWKGHHETDHTDLNGWIWERKYEVDSLCYPLQLAYLLWKETGETSQFDEIF
VAATKEILHLWTVEQDHKNSPYRFVRDTDRKEDTLVNDGFGPDFAVTGMTWSAFRPSDDCCQYSYLIPSNMFAVVVLGYV
QEIFAALNLADSQSVIADAKRLQDEIQEGIKNYAYTTNSKGEKIYAFEVDGLGNASIMDDPNVPSLLAAPYLGYCSVDDE
VYQATRRTILSSENPYFYQGEYASGLGSSHTFYRYIWPIALSIQGLTTRDKAEKKFLLDQLVACDGGTGVMHESFHVDDP
TLYSREWFSWANMMFCELVLDYLDIR
;
_entity_poly.pdbx_strand_id   A,B
#
loop_
_chem_comp.id
_chem_comp.type
_chem_comp.name
_chem_comp.formula
EDO non-polymer 1,2-ETHANEDIOL 'C2 H6 O2'
#
# COMPACT_ATOMS: atom_id res chain seq x y z
N MET A 1 33.05 30.52 -20.74
CA MET A 1 34.14 29.84 -19.96
C MET A 1 33.67 29.46 -18.55
N VAL A 2 33.73 28.18 -18.26
CA VAL A 2 32.95 27.65 -17.16
C VAL A 2 33.85 27.32 -15.96
N TYR A 3 35.04 26.78 -16.25
CA TYR A 3 35.97 26.34 -15.21
C TYR A 3 37.39 26.29 -15.75
N SER A 4 38.36 26.05 -14.89
CA SER A 4 39.74 25.88 -15.31
C SER A 4 40.02 24.42 -15.57
N LYS A 5 40.29 24.08 -16.85
CA LYS A 5 40.68 22.70 -17.21
C LYS A 5 41.88 22.20 -16.45
N GLU A 6 42.88 23.05 -16.29
CA GLU A 6 44.11 22.65 -15.60
C GLU A 6 43.90 22.32 -14.12
N ILE A 7 43.14 23.17 -13.43
CA ILE A 7 42.91 22.97 -11.99
C ILE A 7 42.03 21.73 -11.76
N VAL A 8 40.96 21.60 -12.56
CA VAL A 8 40.05 20.48 -12.42
C VAL A 8 40.78 19.17 -12.72
N ARG A 9 41.57 19.12 -13.81
CA ARG A 9 42.34 17.92 -14.16
C ARG A 9 43.30 17.53 -13.04
N GLU A 10 43.98 18.51 -12.47
CA GLU A 10 44.85 18.25 -11.33
C GLU A 10 44.09 17.68 -10.12
N TRP A 11 42.92 18.25 -9.82
CA TRP A 11 42.08 17.73 -8.75
C TRP A 11 41.61 16.29 -9.04
N LEU A 12 41.19 16.03 -10.27
CA LEU A 12 40.77 14.68 -10.65
C LEU A 12 41.96 13.71 -10.55
N ASP A 13 43.15 14.18 -10.93
CA ASP A 13 44.39 13.37 -10.75
C ASP A 13 44.56 12.98 -9.30
N GLU A 14 44.28 13.93 -8.38
CA GLU A 14 44.44 13.64 -6.95
C GLU A 14 43.43 12.63 -6.49
N VAL A 15 42.18 12.81 -6.95
CA VAL A 15 41.13 11.86 -6.59
C VAL A 15 41.48 10.44 -7.10
N ALA A 16 41.88 10.34 -8.37
CA ALA A 16 42.36 9.10 -8.96
C ALA A 16 43.49 8.43 -8.15
N GLU A 17 44.43 9.22 -7.65
CA GLU A 17 45.54 8.66 -6.86
C GLU A 17 45.01 8.08 -5.55
N ARG A 18 44.06 8.77 -4.94
CA ARG A 18 43.52 8.31 -3.67
C ARG A 18 42.72 7.07 -3.89
N ALA A 19 42.10 6.97 -5.06
CA ALA A 19 41.27 5.80 -5.41
C ALA A 19 41.99 4.77 -6.27
N LYS A 20 43.33 4.74 -6.21
CA LYS A 20 44.10 3.94 -7.16
C LYS A 20 43.90 2.42 -7.03
N ASP A 21 43.44 1.96 -5.87
CA ASP A 21 43.12 0.53 -5.70
C ASP A 21 41.80 0.14 -6.41
N TYR A 22 41.07 1.14 -6.89
CA TYR A 22 39.77 0.94 -7.51
C TYR A 22 39.64 1.59 -8.88
N PRO A 23 40.43 1.09 -9.88
CA PRO A 23 40.40 1.65 -11.25
C PRO A 23 39.00 1.70 -11.84
N GLU A 24 38.17 0.73 -11.52
CA GLU A 24 36.83 0.73 -12.06
C GLU A 24 35.98 1.89 -11.56
N TRP A 25 36.13 2.26 -10.28
CA TRP A 25 35.46 3.46 -9.78
C TRP A 25 35.99 4.72 -10.47
N VAL A 26 37.31 4.83 -10.60
CA VAL A 26 37.91 6.05 -11.18
C VAL A 26 37.40 6.24 -12.61
N ASP A 27 37.38 5.14 -13.37
CA ASP A 27 36.84 5.11 -14.73
C ASP A 27 35.47 5.79 -14.80
N VAL A 28 34.56 5.34 -13.93
CA VAL A 28 33.16 5.83 -13.98
C VAL A 28 33.09 7.25 -13.43
N PHE A 29 33.87 7.47 -12.37
CA PHE A 29 33.89 8.76 -11.70
C PHE A 29 34.28 9.88 -12.68
N GLU A 30 35.37 9.66 -13.41
CA GLU A 30 35.86 10.69 -14.33
C GLU A 30 34.88 10.89 -15.48
N ARG A 31 34.31 9.80 -15.97
CA ARG A 31 33.32 9.89 -17.04
C ARG A 31 32.08 10.70 -16.60
N CYS A 32 31.56 10.41 -15.42
CA CYS A 32 30.38 11.12 -14.90
C CYS A 32 30.69 12.60 -14.65
N TYR A 33 31.80 12.84 -13.96
CA TYR A 33 32.19 14.18 -13.52
C TYR A 33 32.40 15.13 -14.69
N THR A 34 33.11 14.66 -15.71
CA THR A 34 33.46 15.48 -16.86
C THR A 34 32.25 15.70 -17.78
N ASP A 35 31.47 14.66 -18.01
CA ASP A 35 30.24 14.79 -18.79
C ASP A 35 29.29 15.89 -18.26
N THR A 36 29.01 15.87 -16.98
CA THR A 36 28.13 16.84 -16.39
C THR A 36 28.70 18.23 -16.60
N LEU A 37 29.95 18.40 -16.26
CA LEU A 37 30.60 19.69 -16.37
C LEU A 37 30.67 20.25 -17.80
N ASP A 38 31.02 19.39 -18.77
CA ASP A 38 31.25 19.84 -20.12
C ASP A 38 29.98 19.97 -20.95
N ASN A 39 28.95 19.21 -20.58
CA ASN A 39 27.77 19.08 -21.43
C ASN A 39 26.47 19.63 -20.83
N THR A 40 26.43 19.97 -19.55
CA THR A 40 25.17 20.45 -18.99
C THR A 40 25.24 21.90 -18.53
N VAL A 41 26.45 22.46 -18.46
CA VAL A 41 26.66 23.77 -17.82
C VAL A 41 26.91 24.84 -18.88
N GLU A 42 26.12 25.88 -18.87
CA GLU A 42 26.46 26.99 -19.73
C GLU A 42 26.27 28.35 -19.12
N ILE A 43 27.06 29.31 -19.61
CA ILE A 43 27.02 30.67 -19.13
C ILE A 43 26.10 31.46 -20.03
N LEU A 44 25.17 32.20 -19.45
CA LEU A 44 24.25 33.03 -20.21
C LEU A 44 24.83 34.43 -20.43
N GLU A 45 24.27 35.12 -21.42
CA GLU A 45 24.74 36.46 -21.82
C GLU A 45 24.88 37.41 -20.64
N ASP A 46 23.96 37.30 -19.67
CA ASP A 46 24.05 38.09 -18.45
C ASP A 46 25.06 37.57 -17.42
N GLY A 47 25.88 36.59 -17.81
CA GLY A 47 26.93 36.06 -16.93
C GLY A 47 26.46 35.04 -15.91
N SER A 48 25.15 34.78 -15.82
CA SER A 48 24.63 33.74 -14.90
C SER A 48 24.75 32.33 -15.52
N THR A 49 24.44 31.30 -14.73
CA THR A 49 24.66 29.93 -15.17
C THR A 49 23.31 29.24 -15.42
N PHE A 50 23.22 28.48 -16.51
CA PHE A 50 22.03 27.67 -16.75
C PHE A 50 22.52 26.25 -16.85
N VAL A 51 21.81 25.33 -16.19
CA VAL A 51 22.21 23.92 -16.18
C VAL A 51 21.09 23.06 -16.77
N LEU A 52 21.38 22.46 -17.91
CA LEU A 52 20.51 21.50 -18.56
C LEU A 52 20.49 20.17 -17.80
N THR A 53 19.35 19.50 -17.85
CA THR A 53 19.27 18.22 -17.20
C THR A 53 18.85 17.27 -18.31
N GLY A 54 19.86 16.82 -19.07
CA GLY A 54 19.63 16.08 -20.32
C GLY A 54 19.81 16.94 -21.56
N ASP A 55 18.79 17.01 -22.40
CA ASP A 55 18.96 17.55 -23.76
C ASP A 55 18.05 18.74 -24.07
N ILE A 56 16.83 18.64 -23.54
CA ILE A 56 15.85 19.68 -23.46
C ILE A 56 16.46 20.94 -22.85
N PRO A 57 16.27 22.12 -23.49
CA PRO A 57 16.85 23.39 -22.97
C PRO A 57 16.09 23.94 -21.76
N ALA A 58 16.00 23.12 -20.71
CA ALA A 58 15.25 23.49 -19.50
C ALA A 58 16.01 23.10 -18.26
N MET A 59 15.87 23.90 -17.22
CA MET A 59 16.60 23.66 -15.98
C MET A 59 15.62 23.33 -14.86
N TRP A 60 15.87 22.22 -14.17
CA TRP A 60 15.17 21.91 -12.92
C TRP A 60 15.92 22.55 -11.77
N LEU A 61 15.20 23.19 -10.86
CA LEU A 61 15.82 23.76 -9.65
C LEU A 61 16.51 22.64 -8.87
N ARG A 62 15.85 21.49 -8.80
CA ARG A 62 16.37 20.30 -8.11
C ARG A 62 17.61 19.75 -8.80
N ASP A 63 17.49 19.32 -10.06
CA ASP A 63 18.62 18.67 -10.74
C ASP A 63 19.85 19.58 -10.79
N SER A 64 19.64 20.88 -10.99
CA SER A 64 20.77 21.81 -11.22
C SER A 64 21.61 21.92 -9.94
N THR A 65 20.93 22.01 -8.79
CA THR A 65 21.63 21.96 -7.52
C THR A 65 22.42 20.67 -7.32
N ALA A 66 21.75 19.53 -7.55
CA ALA A 66 22.38 18.23 -7.28
C ALA A 66 23.55 17.97 -8.23
N GLN A 67 23.43 18.44 -9.47
CA GLN A 67 24.49 18.27 -10.48
C GLN A 67 25.74 19.07 -10.18
N LEU A 68 25.59 20.23 -9.53
CA LEU A 68 26.74 21.10 -9.33
C LEU A 68 27.34 21.00 -7.95
N ARG A 69 26.57 20.45 -7.01
CA ARG A 69 27.05 20.22 -5.66
C ARG A 69 28.47 19.62 -5.56
N PRO A 70 28.75 18.52 -6.29
CA PRO A 70 30.08 17.90 -6.09
C PRO A 70 31.24 18.74 -6.66
N TYR A 71 30.94 19.79 -7.42
CA TYR A 71 32.00 20.71 -7.89
C TYR A 71 32.46 21.66 -6.80
N LEU A 72 31.78 21.64 -5.64
CA LEU A 72 32.15 22.54 -4.56
C LEU A 72 33.56 22.30 -4.03
N HIS A 73 34.01 21.05 -4.06
CA HIS A 73 35.34 20.69 -3.55
C HIS A 73 36.41 21.38 -4.39
N VAL A 74 36.34 21.18 -5.71
CA VAL A 74 37.30 21.80 -6.58
C VAL A 74 37.09 23.31 -6.70
N ALA A 75 35.84 23.77 -6.54
CA ALA A 75 35.59 25.23 -6.52
C ALA A 75 36.35 25.98 -5.41
N LYS A 76 36.77 25.27 -4.36
CA LYS A 76 37.73 25.86 -3.39
C LYS A 76 39.06 26.29 -4.01
N ARG A 77 39.47 25.65 -5.11
CA ARG A 77 40.73 25.95 -5.82
C ARG A 77 40.47 26.76 -7.08
N ASP A 78 39.40 26.42 -7.81
CA ASP A 78 39.10 26.98 -9.14
C ASP A 78 38.18 28.16 -9.00
N ALA A 79 38.72 29.37 -8.97
CA ALA A 79 37.90 30.56 -8.71
C ALA A 79 36.88 30.80 -9.80
N LEU A 80 37.22 30.45 -11.03
CA LEU A 80 36.27 30.58 -12.14
C LEU A 80 35.04 29.67 -11.97
N LEU A 81 35.27 28.42 -11.57
CA LEU A 81 34.14 27.49 -11.35
C LEU A 81 33.31 27.96 -10.15
N ARG A 82 33.97 28.59 -9.17
CA ARG A 82 33.29 29.15 -8.02
C ARG A 82 32.32 30.26 -8.48
N GLN A 83 32.75 31.12 -9.40
CA GLN A 83 31.87 32.12 -10.03
C GLN A 83 30.70 31.46 -10.76
N THR A 84 31.01 30.39 -11.47
CA THR A 84 30.00 29.63 -12.19
C THR A 84 28.90 29.11 -11.25
N ILE A 85 29.28 28.57 -10.10
CA ILE A 85 28.29 28.06 -9.15
C ILE A 85 27.51 29.20 -8.51
N ALA A 86 28.21 30.28 -8.15
CA ALA A 86 27.52 31.52 -7.75
C ALA A 86 26.51 31.94 -8.82
N GLY A 87 26.91 31.91 -10.09
CA GLY A 87 26.00 32.32 -11.17
C GLY A 87 24.78 31.43 -11.31
N LEU A 88 24.91 30.15 -10.93
CA LEU A 88 23.77 29.21 -10.91
C LEU A 88 22.78 29.61 -9.79
N VAL A 89 23.28 29.87 -8.58
CA VAL A 89 22.38 30.33 -7.49
C VAL A 89 21.59 31.57 -7.95
N LYS A 90 22.28 32.50 -8.62
CA LYS A 90 21.67 33.77 -9.07
C LYS A 90 20.60 33.53 -10.12
N ARG A 91 20.88 32.61 -11.03
CA ARG A 91 19.87 32.23 -12.00
C ARG A 91 18.71 31.48 -11.34
N GLN A 92 18.98 30.58 -10.41
CA GLN A 92 17.87 29.88 -9.72
C GLN A 92 16.92 30.87 -9.03
N MET A 93 17.49 31.79 -8.28
CA MET A 93 16.72 32.78 -7.51
CA MET A 93 16.71 32.76 -7.52
C MET A 93 15.93 33.71 -8.44
N THR A 94 16.56 34.15 -9.52
CA THR A 94 15.86 34.95 -10.53
C THR A 94 14.65 34.16 -11.04
N LEU A 95 14.83 32.87 -11.28
CA LEU A 95 13.75 32.06 -11.81
C LEU A 95 12.67 31.85 -10.75
N VAL A 96 13.07 31.68 -9.49
CA VAL A 96 12.11 31.55 -8.39
C VAL A 96 11.17 32.77 -8.37
N LEU A 97 11.71 33.97 -8.60
CA LEU A 97 10.89 35.19 -8.67
C LEU A 97 9.91 35.22 -9.84
N LYS A 98 10.30 34.64 -10.98
CA LYS A 98 9.42 34.41 -12.15
C LYS A 98 8.13 33.62 -11.79
N ASP A 99 8.31 32.49 -11.09
CA ASP A 99 7.20 31.71 -10.57
C ASP A 99 7.70 30.73 -9.52
N PRO A 100 7.32 30.95 -8.26
CA PRO A 100 7.89 30.06 -7.23
C PRO A 100 7.22 28.69 -7.12
N TYR A 101 6.17 28.45 -7.91
CA TYR A 101 5.50 27.14 -7.94
C TYR A 101 6.05 26.21 -9.02
N ALA A 102 6.93 26.69 -9.89
CA ALA A 102 7.40 25.91 -11.04
C ALA A 102 8.66 25.10 -10.68
N ASN A 103 8.74 23.85 -11.15
CA ASN A 103 9.92 23.00 -10.92
C ASN A 103 10.98 23.11 -12.03
N SER A 104 10.58 23.56 -13.23
CA SER A 104 11.43 23.54 -14.39
C SER A 104 11.25 24.79 -15.25
N PHE A 105 12.36 25.40 -15.66
CA PHE A 105 12.35 26.67 -16.39
C PHE A 105 13.09 26.61 -17.73
N ASN A 106 12.63 27.42 -18.67
CA ASN A 106 13.25 27.58 -19.99
C ASN A 106 14.50 28.48 -19.95
N ILE A 107 15.39 28.29 -20.93
CA ILE A 107 16.61 29.08 -21.00
C ILE A 107 16.30 30.56 -21.26
N GLU A 108 15.21 30.83 -21.97
CA GLU A 108 14.76 32.19 -22.18
C GLU A 108 13.26 32.11 -22.19
N GLU A 109 12.60 33.26 -22.32
CA GLU A 109 11.17 33.33 -22.33
C GLU A 109 10.65 32.86 -23.69
N ASN A 110 10.52 31.55 -23.83
CA ASN A 110 10.26 30.96 -25.15
C ASN A 110 9.00 30.10 -25.24
N TRP A 111 8.29 29.96 -24.12
CA TRP A 111 7.07 29.16 -24.05
C TRP A 111 7.22 27.71 -24.46
N LYS A 112 8.45 27.19 -24.46
CA LYS A 112 8.65 25.76 -24.66
C LYS A 112 8.15 24.97 -23.44
N GLY A 113 8.01 23.66 -23.58
CA GLY A 113 7.51 22.84 -22.49
C GLY A 113 6.08 22.34 -22.63
N HIS A 114 5.40 22.27 -21.48
CA HIS A 114 4.16 21.50 -21.32
C HIS A 114 2.87 22.31 -21.42
N HIS A 115 2.95 23.51 -21.99
CA HIS A 115 1.80 24.43 -21.97
C HIS A 115 0.53 23.90 -22.68
N GLU A 116 0.71 23.08 -23.71
CA GLU A 116 -0.44 22.58 -24.47
C GLU A 116 -1.30 21.62 -23.66
N THR A 117 -0.69 20.94 -22.70
CA THR A 117 -1.43 19.95 -21.90
C THR A 117 -1.83 20.48 -20.54
N ASP A 118 -1.21 21.58 -20.10
CA ASP A 118 -1.27 21.98 -18.71
C ASP A 118 -2.17 23.17 -18.44
N HIS A 119 -3.14 22.96 -17.57
CA HIS A 119 -4.10 24.01 -17.16
C HIS A 119 -3.72 24.59 -15.81
N THR A 120 -3.07 25.75 -15.85
CA THR A 120 -2.49 26.40 -14.66
C THR A 120 -1.98 27.77 -15.11
N ASP A 121 -1.74 28.71 -14.18
CA ASP A 121 -1.11 30.00 -14.54
C ASP A 121 0.31 29.78 -15.09
N LEU A 122 0.53 30.20 -16.32
CA LEU A 122 1.80 29.99 -17.01
C LEU A 122 2.39 31.28 -17.57
N ASN A 123 3.71 31.36 -17.64
CA ASN A 123 4.39 32.41 -18.41
C ASN A 123 5.45 31.71 -19.26
N GLY A 124 6.15 32.47 -20.10
CA GLY A 124 7.05 31.87 -21.11
C GLY A 124 8.32 31.23 -20.57
N TRP A 125 8.64 31.55 -19.30
CA TRP A 125 9.85 31.00 -18.68
C TRP A 125 9.65 29.57 -18.13
N ILE A 126 8.40 29.11 -18.04
CA ILE A 126 8.06 27.88 -17.34
C ILE A 126 8.06 26.73 -18.35
N TRP A 127 8.96 25.76 -18.15
CA TRP A 127 8.93 24.49 -18.87
C TRP A 127 7.80 23.61 -18.29
N GLU A 128 7.76 23.51 -16.97
CA GLU A 128 6.74 22.71 -16.30
C GLU A 128 6.41 23.36 -14.99
N ARG A 129 5.13 23.36 -14.60
CA ARG A 129 4.77 23.98 -13.33
C ARG A 129 4.24 23.00 -12.29
N LYS A 130 4.97 21.91 -12.13
CA LYS A 130 4.61 20.97 -11.06
C LYS A 130 5.20 21.54 -9.77
N TYR A 131 4.35 21.92 -8.82
CA TYR A 131 4.86 22.40 -7.55
C TYR A 131 5.37 21.28 -6.63
N GLU A 132 6.67 21.36 -6.31
CA GLU A 132 7.36 20.38 -5.48
C GLU A 132 8.09 21.18 -4.44
N VAL A 133 7.82 20.92 -3.16
CA VAL A 133 8.40 21.70 -2.07
C VAL A 133 9.92 21.73 -2.24
N ASP A 134 10.49 20.58 -2.58
CA ASP A 134 11.93 20.45 -2.66
C ASP A 134 12.52 21.36 -3.70
N SER A 135 11.76 21.71 -4.75
CA SER A 135 12.28 22.66 -5.77
C SER A 135 12.78 23.95 -5.11
N LEU A 136 12.07 24.44 -4.09
CA LEU A 136 12.48 25.69 -3.45
C LEU A 136 13.51 25.46 -2.36
N CYS A 137 13.59 24.23 -1.84
CA CYS A 137 14.68 23.87 -0.91
C CYS A 137 16.06 23.93 -1.56
N TYR A 138 16.15 23.42 -2.79
CA TYR A 138 17.43 23.13 -3.40
C TYR A 138 18.29 24.39 -3.68
N PRO A 139 17.69 25.48 -4.17
CA PRO A 139 18.52 26.66 -4.36
C PRO A 139 19.05 27.26 -3.06
N LEU A 140 18.23 27.26 -2.02
CA LEU A 140 18.70 27.71 -0.69
C LEU A 140 19.81 26.78 -0.20
N GLN A 141 19.68 25.48 -0.43
CA GLN A 141 20.75 24.55 -0.05
C GLN A 141 22.05 24.87 -0.81
N LEU A 142 21.95 25.10 -2.12
CA LEU A 142 23.12 25.44 -2.91
C LEU A 142 23.79 26.77 -2.42
N ALA A 143 22.99 27.81 -2.25
CA ALA A 143 23.50 29.09 -1.80
C ALA A 143 24.29 28.92 -0.50
N TYR A 144 23.71 28.16 0.45
CA TYR A 144 24.35 27.87 1.72
C TYR A 144 25.62 27.04 1.57
N LEU A 145 25.56 25.92 0.85
CA LEU A 145 26.73 25.09 0.64
C LEU A 145 27.89 25.82 -0.10
N LEU A 146 27.55 26.65 -1.10
CA LEU A 146 28.59 27.43 -1.79
C LEU A 146 29.34 28.31 -0.78
N TRP A 147 28.56 28.99 0.05
CA TRP A 147 29.06 29.88 1.08
C TRP A 147 29.92 29.16 2.08
N LYS A 148 29.42 28.04 2.61
CA LYS A 148 30.21 27.27 3.58
C LYS A 148 31.48 26.62 3.06
N GLU A 149 31.43 26.09 1.84
CA GLU A 149 32.56 25.38 1.29
C GLU A 149 33.62 26.31 0.71
N THR A 150 33.23 27.41 0.10
CA THR A 150 34.22 28.28 -0.57
C THR A 150 34.36 29.67 0.04
N GLY A 151 33.39 30.08 0.87
CA GLY A 151 33.33 31.44 1.39
C GLY A 151 32.68 32.46 0.47
N GLU A 152 32.39 32.09 -0.76
CA GLU A 152 31.66 32.96 -1.71
C GLU A 152 30.38 33.57 -1.12
N THR A 153 30.16 34.87 -1.34
CA THR A 153 28.93 35.53 -0.86
C THR A 153 28.18 36.35 -1.93
N SER A 154 28.67 36.40 -3.17
CA SER A 154 28.04 37.26 -4.18
C SER A 154 26.62 36.80 -4.59
N GLN A 155 26.32 35.53 -4.31
CA GLN A 155 24.99 34.95 -4.62
C GLN A 155 23.91 35.51 -3.71
N PHE A 156 24.33 36.06 -2.57
CA PHE A 156 23.45 36.71 -1.59
C PHE A 156 23.14 38.17 -1.95
N ASP A 157 22.51 38.37 -3.10
CA ASP A 157 22.21 39.69 -3.60
C ASP A 157 20.73 40.00 -3.38
N GLU A 158 20.23 41.05 -4.03
CA GLU A 158 18.90 41.45 -3.70
C GLU A 158 17.84 40.52 -4.26
N ILE A 159 18.16 39.86 -5.35
CA ILE A 159 17.28 38.84 -5.91
C ILE A 159 17.22 37.63 -4.95
N PHE A 160 18.37 37.24 -4.37
CA PHE A 160 18.39 36.21 -3.31
C PHE A 160 17.43 36.56 -2.14
N VAL A 161 17.52 37.80 -1.66
CA VAL A 161 16.63 38.26 -0.59
C VAL A 161 15.15 38.21 -1.02
N ALA A 162 14.85 38.77 -2.20
CA ALA A 162 13.48 38.76 -2.68
C ALA A 162 12.97 37.32 -2.85
N ALA A 163 13.77 36.46 -3.44
CA ALA A 163 13.38 35.06 -3.64
C ALA A 163 13.19 34.38 -2.29
N THR A 164 14.09 34.64 -1.33
CA THR A 164 13.92 34.04 -0.02
C THR A 164 12.54 34.43 0.54
N LYS A 165 12.22 35.72 0.49
CA LYS A 165 10.91 36.17 0.99
C LYS A 165 9.76 35.46 0.28
N GLU A 166 9.88 35.29 -1.03
CA GLU A 166 8.85 34.61 -1.80
C GLU A 166 8.66 33.16 -1.33
N ILE A 167 9.77 32.49 -1.02
CA ILE A 167 9.74 31.08 -0.57
C ILE A 167 9.05 31.01 0.79
N LEU A 168 9.42 31.90 1.71
CA LEU A 168 8.81 31.90 3.06
C LEU A 168 7.30 32.14 2.96
N HIS A 169 6.90 33.05 2.07
CA HIS A 169 5.50 33.40 1.89
C HIS A 169 4.72 32.20 1.34
N LEU A 170 5.23 31.59 0.26
CA LEU A 170 4.60 30.43 -0.35
C LEU A 170 4.47 29.29 0.68
N TRP A 171 5.56 28.96 1.35
CA TRP A 171 5.51 27.88 2.33
C TRP A 171 4.47 28.14 3.45
N THR A 172 4.30 29.40 3.82
CA THR A 172 3.35 29.80 4.85
C THR A 172 1.95 29.67 4.31
N VAL A 173 1.71 30.23 3.13
CA VAL A 173 0.39 30.07 2.47
C VAL A 173 0.02 28.59 2.44
N GLU A 174 0.98 27.76 2.03
CA GLU A 174 0.74 26.31 1.84
C GLU A 174 0.70 25.50 3.15
N GLN A 175 0.85 26.16 4.30
CA GLN A 175 0.48 25.48 5.56
C GLN A 175 -1.07 25.29 5.66
N ASP A 176 -1.83 25.96 4.81
CA ASP A 176 -3.25 25.69 4.68
C ASP A 176 -3.61 25.88 3.21
N HIS A 177 -3.54 24.78 2.46
CA HIS A 177 -3.69 24.83 1.01
C HIS A 177 -5.10 25.34 0.55
N LYS A 178 -6.05 25.46 1.49
CA LYS A 178 -7.36 26.02 1.16
C LYS A 178 -7.20 27.43 0.58
N ASN A 179 -6.14 28.10 0.99
CA ASN A 179 -5.87 29.50 0.61
C ASN A 179 -4.94 29.69 -0.59
N SER A 180 -4.64 28.59 -1.28
CA SER A 180 -3.58 28.58 -2.27
C SER A 180 -4.12 29.08 -3.58
N PRO A 181 -3.33 29.88 -4.34
CA PRO A 181 -3.74 30.27 -5.67
C PRO A 181 -3.28 29.26 -6.70
N TYR A 182 -2.64 28.18 -6.26
CA TYR A 182 -2.13 27.17 -7.16
C TYR A 182 -3.13 26.05 -7.46
N ARG A 183 -3.40 25.83 -8.75
CA ARG A 183 -4.15 24.68 -9.23
C ARG A 183 -3.39 24.12 -10.43
N PHE A 184 -3.47 22.81 -10.62
CA PHE A 184 -2.75 22.20 -11.72
C PHE A 184 -3.52 21.00 -12.23
N VAL A 185 -3.88 21.09 -13.52
CA VAL A 185 -4.49 19.97 -14.26
C VAL A 185 -3.71 19.75 -15.56
N ARG A 186 -3.29 18.51 -15.80
CA ARG A 186 -2.66 18.14 -17.06
C ARG A 186 -3.61 17.23 -17.82
N ASP A 187 -3.81 17.48 -19.11
CA ASP A 187 -4.61 16.58 -19.93
C ASP A 187 -3.76 15.38 -20.25
N THR A 188 -3.98 14.31 -19.51
CA THR A 188 -3.22 13.08 -19.63
C THR A 188 -4.06 11.93 -19.09
N ASP A 189 -3.79 10.72 -19.58
CA ASP A 189 -4.38 9.51 -19.03
C ASP A 189 -3.59 8.97 -17.80
N ARG A 190 -2.37 9.45 -17.60
CA ARG A 190 -1.51 8.96 -16.50
C ARG A 190 -1.79 9.80 -15.27
N LYS A 191 -2.49 9.23 -14.30
CA LYS A 191 -3.00 9.98 -13.14
C LYS A 191 -1.89 10.58 -12.22
N GLU A 192 -0.72 9.94 -12.17
CA GLU A 192 0.43 10.46 -11.41
C GLU A 192 0.88 11.86 -11.90
N ASP A 193 0.50 12.21 -13.10
CA ASP A 193 0.91 13.48 -13.71
C ASP A 193 -0.06 14.64 -13.55
N THR A 194 -1.14 14.46 -12.79
CA THR A 194 -2.12 15.52 -12.62
C THR A 194 -2.63 15.48 -11.20
N LEU A 195 -3.35 16.51 -10.77
CA LEU A 195 -3.88 16.53 -9.42
C LEU A 195 -5.37 16.22 -9.39
N VAL A 196 -5.77 15.47 -8.38
CA VAL A 196 -7.18 15.11 -8.22
C VAL A 196 -8.02 16.31 -7.79
N ASN A 197 -9.33 16.13 -7.77
CA ASN A 197 -10.26 17.20 -7.41
C ASN A 197 -10.04 18.44 -8.25
N ASP A 198 -9.96 18.22 -9.56
CA ASP A 198 -9.86 19.31 -10.52
C ASP A 198 -8.72 20.33 -10.24
N GLY A 199 -7.56 19.79 -9.83
CA GLY A 199 -6.33 20.58 -9.75
C GLY A 199 -6.04 21.02 -8.33
N PHE A 200 -6.96 20.69 -7.43
CA PHE A 200 -6.80 21.06 -6.02
C PHE A 200 -6.02 20.03 -5.16
N GLY A 201 -5.95 18.79 -5.60
CA GLY A 201 -5.30 17.74 -4.85
C GLY A 201 -6.18 17.08 -3.79
N PRO A 202 -5.65 16.05 -3.10
CA PRO A 202 -6.44 15.29 -2.12
C PRO A 202 -6.79 16.08 -0.86
N ASP A 203 -7.75 15.60 -0.07
CA ASP A 203 -8.13 16.26 1.19
C ASP A 203 -6.98 16.18 2.23
N PHE A 204 -6.96 17.13 3.15
CA PHE A 204 -5.93 17.28 4.15
C PHE A 204 -6.51 18.02 5.34
N ALA A 205 -5.85 17.91 6.49
CA ALA A 205 -6.06 18.84 7.58
C ALA A 205 -4.82 19.70 7.70
N VAL A 206 -4.96 20.85 8.36
CA VAL A 206 -3.82 21.72 8.68
C VAL A 206 -2.96 20.97 9.71
N THR A 207 -1.67 20.84 9.42
CA THR A 207 -0.81 20.14 10.39
C THR A 207 0.32 21.04 10.88
N GLY A 208 0.55 22.13 10.15
CA GLY A 208 1.74 22.96 10.41
C GLY A 208 2.86 22.66 9.42
N MET A 209 2.82 21.47 8.84
CA MET A 209 3.69 21.17 7.70
C MET A 209 3.22 21.93 6.45
N THR A 210 4.06 22.01 5.42
CA THR A 210 3.69 22.73 4.22
C THR A 210 3.36 21.76 3.07
N TRP A 211 2.27 22.08 2.36
CA TRP A 211 1.66 21.23 1.32
C TRP A 211 2.54 21.16 0.06
N SER A 212 2.52 20.02 -0.63
CA SER A 212 3.17 19.88 -1.91
C SER A 212 2.17 19.25 -2.90
N ALA A 213 2.26 19.62 -4.19
CA ALA A 213 1.51 18.97 -5.29
C ALA A 213 2.16 17.64 -5.69
N PHE A 214 3.47 17.71 -5.97
CA PHE A 214 4.22 16.58 -6.50
C PHE A 214 5.46 16.30 -5.65
N ARG A 215 5.99 15.11 -5.86
CA ARG A 215 7.19 14.58 -5.21
C ARG A 215 8.39 14.97 -6.08
N PRO A 216 9.64 14.77 -5.57
CA PRO A 216 10.82 15.01 -6.39
C PRO A 216 10.89 14.05 -7.59
N SER A 217 10.11 12.97 -7.58
CA SER A 217 9.96 12.12 -8.77
C SER A 217 9.13 12.77 -9.89
N ASP A 218 8.53 13.93 -9.61
CA ASP A 218 7.55 14.53 -10.51
C ASP A 218 6.18 13.78 -10.58
N ASP A 219 5.96 12.75 -9.78
CA ASP A 219 4.63 12.11 -9.71
C ASP A 219 3.87 12.75 -8.58
N CYS A 220 2.55 12.80 -8.66
CA CYS A 220 1.81 13.54 -7.65
C CYS A 220 1.82 12.85 -6.28
N CYS A 221 1.77 13.67 -5.22
CA CYS A 221 1.64 13.17 -3.87
C CYS A 221 0.29 12.49 -3.68
N GLN A 222 0.32 11.37 -2.96
CA GLN A 222 -0.90 10.65 -2.57
C GLN A 222 -1.54 11.33 -1.37
N TYR A 223 -0.72 11.66 -0.38
CA TYR A 223 -1.10 12.61 0.67
C TYR A 223 -0.17 13.84 0.61
N SER A 224 -0.67 14.98 1.10
CA SER A 224 -0.12 16.28 0.73
C SER A 224 1.08 16.71 1.56
N TYR A 225 1.25 16.16 2.76
CA TYR A 225 2.45 16.48 3.53
C TYR A 225 3.47 15.40 3.29
N LEU A 226 4.41 15.74 2.41
CA LEU A 226 5.43 14.82 1.95
C LEU A 226 6.58 14.96 2.97
N ILE A 227 6.81 13.92 3.77
CA ILE A 227 7.66 14.04 4.96
C ILE A 227 9.12 14.41 4.62
N PRO A 228 9.74 13.76 3.62
CA PRO A 228 11.15 14.11 3.36
C PRO A 228 11.33 15.56 2.86
N SER A 229 10.35 16.10 2.16
CA SER A 229 10.45 17.48 1.68
C SER A 229 10.23 18.48 2.82
N ASN A 230 9.38 18.15 3.78
CA ASN A 230 9.26 19.01 4.96
C ASN A 230 10.50 18.94 5.83
N MET A 231 11.16 17.78 5.87
CA MET A 231 12.46 17.63 6.55
C MET A 231 13.52 18.58 5.93
N PHE A 232 13.59 18.61 4.59
CA PHE A 232 14.55 19.43 3.84
C PHE A 232 14.21 20.91 4.07
N ALA A 233 12.92 21.23 4.07
CA ALA A 233 12.45 22.58 4.39
C ALA A 233 12.96 23.01 5.78
N VAL A 234 12.85 22.15 6.79
CA VAL A 234 13.34 22.47 8.13
C VAL A 234 14.82 22.83 8.09
N VAL A 235 15.60 22.06 7.32
CA VAL A 235 17.02 22.25 7.23
C VAL A 235 17.33 23.58 6.56
N VAL A 236 16.77 23.83 5.37
CA VAL A 236 17.13 25.07 4.68
C VAL A 236 16.59 26.31 5.39
N LEU A 237 15.52 26.16 6.18
CA LEU A 237 15.06 27.29 6.99
C LEU A 237 16.07 27.65 8.08
N GLY A 238 16.79 26.65 8.58
CA GLY A 238 17.97 26.93 9.43
C GLY A 238 19.03 27.70 8.66
N TYR A 239 19.35 27.22 7.46
CA TYR A 239 20.29 27.90 6.57
C TYR A 239 19.89 29.39 6.41
N VAL A 240 18.61 29.67 6.18
CA VAL A 240 18.16 31.07 5.98
C VAL A 240 18.44 31.94 7.20
N GLN A 241 18.18 31.41 8.39
CA GLN A 241 18.51 32.13 9.62
C GLN A 241 20.01 32.41 9.73
N GLU A 242 20.84 31.43 9.40
CA GLU A 242 22.29 31.59 9.50
C GLU A 242 22.82 32.63 8.52
N ILE A 243 22.33 32.56 7.30
CA ILE A 243 22.79 33.46 6.26
C ILE A 243 22.43 34.91 6.56
N PHE A 244 21.15 35.17 6.85
CA PHE A 244 20.69 36.53 7.10
C PHE A 244 21.37 37.16 8.32
N ALA A 245 21.58 36.39 9.39
CA ALA A 245 22.28 36.91 10.57
C ALA A 245 23.74 37.23 10.24
N ALA A 246 24.44 36.26 9.65
CA ALA A 246 25.88 36.45 9.36
C ALA A 246 26.17 37.58 8.38
N LEU A 247 25.25 37.86 7.45
CA LEU A 247 25.57 38.77 6.36
C LEU A 247 24.80 40.06 6.39
N ASN A 248 24.00 40.27 7.42
CA ASN A 248 23.33 41.56 7.57
C ASN A 248 22.61 41.94 6.29
N LEU A 249 21.89 40.98 5.72
CA LEU A 249 21.12 41.25 4.51
C LEU A 249 19.91 42.11 4.83
N ALA A 250 19.41 42.86 3.84
CA ALA A 250 18.19 43.63 3.96
C ALA A 250 17.07 42.83 4.67
N ASP A 251 16.39 43.49 5.62
CA ASP A 251 15.25 42.96 6.36
C ASP A 251 15.57 41.69 7.15
N SER A 252 16.79 41.59 7.65
CA SER A 252 17.23 40.37 8.35
C SER A 252 16.35 40.04 9.54
N GLN A 253 15.99 41.05 10.34
CA GLN A 253 15.31 40.79 11.58
C GLN A 253 13.97 40.13 11.27
N SER A 254 13.26 40.70 10.29
CA SER A 254 12.02 40.15 9.78
C SER A 254 12.17 38.73 9.16
N VAL A 255 13.16 38.55 8.29
CA VAL A 255 13.30 37.29 7.56
C VAL A 255 13.65 36.16 8.53
N ILE A 256 14.60 36.42 9.43
CA ILE A 256 15.03 35.48 10.46
C ILE A 256 13.86 35.03 11.31
N ALA A 257 13.10 36.01 11.83
CA ALA A 257 11.87 35.72 12.58
C ALA A 257 10.85 34.88 11.81
N ASP A 258 10.54 35.24 10.54
CA ASP A 258 9.58 34.44 9.74
C ASP A 258 10.08 33.00 9.51
N ALA A 259 11.35 32.86 9.10
CA ALA A 259 11.98 31.58 8.87
C ALA A 259 11.99 30.71 10.12
N LYS A 260 12.36 31.31 11.25
CA LYS A 260 12.33 30.58 12.52
C LYS A 260 10.94 30.11 12.90
N ARG A 261 9.93 30.98 12.79
CA ARG A 261 8.56 30.65 13.10
C ARG A 261 8.09 29.53 12.18
N LEU A 262 8.35 29.69 10.88
CA LEU A 262 7.93 28.66 9.94
C LEU A 262 8.62 27.33 10.27
N GLN A 263 9.93 27.36 10.47
CA GLN A 263 10.69 26.17 10.85
C GLN A 263 10.07 25.47 12.05
N ASP A 264 9.80 26.22 13.13
CA ASP A 264 9.27 25.63 14.36
C ASP A 264 7.90 25.02 14.08
N GLU A 265 7.10 25.71 13.25
CA GLU A 265 5.76 25.18 12.89
C GLU A 265 5.78 23.88 12.06
N ILE A 266 6.71 23.79 11.11
CA ILE A 266 6.91 22.56 10.34
C ILE A 266 7.47 21.46 11.25
N GLN A 267 8.48 21.78 12.06
CA GLN A 267 9.03 20.81 13.06
C GLN A 267 7.95 20.18 13.97
N GLU A 268 7.07 21.04 14.49
CA GLU A 268 5.92 20.62 15.31
C GLU A 268 4.95 19.76 14.50
N GLY A 269 4.70 20.12 13.24
CA GLY A 269 3.87 19.29 12.34
C GLY A 269 4.45 17.89 12.15
N ILE A 270 5.77 17.83 11.92
CA ILE A 270 6.43 16.54 11.79
C ILE A 270 6.26 15.77 13.08
N LYS A 271 6.50 16.42 14.21
CA LYS A 271 6.43 15.72 15.49
C LYS A 271 5.02 15.11 15.73
N ASN A 272 3.99 15.88 15.39
CA ASN A 272 2.61 15.49 15.62
C ASN A 272 2.01 14.57 14.58
N TYR A 273 2.55 14.56 13.37
CA TYR A 273 1.87 13.87 12.27
C TYR A 273 2.71 12.93 11.41
N ALA A 274 4.04 13.01 11.51
CA ALA A 274 4.92 12.32 10.53
C ALA A 274 5.18 10.83 10.83
N TYR A 275 4.84 10.40 12.03
CA TYR A 275 5.24 9.07 12.47
C TYR A 275 4.13 8.06 12.32
N THR A 276 4.56 6.83 12.09
CA THR A 276 3.64 5.74 12.06
C THR A 276 4.34 4.53 12.67
N THR A 277 3.79 3.34 12.46
CA THR A 277 4.34 2.13 13.07
C THR A 277 4.52 1.06 12.02
N ASN A 278 5.62 0.32 12.07
CA ASN A 278 5.80 -0.77 11.10
C ASN A 278 5.26 -2.12 11.63
N SER A 279 5.40 -3.17 10.81
CA SER A 279 4.88 -4.49 11.12
C SER A 279 5.30 -4.97 12.54
N LYS A 280 6.58 -4.78 12.86
CA LYS A 280 7.13 -5.14 14.17
C LYS A 280 6.72 -4.23 15.31
N GLY A 281 5.91 -3.21 15.03
CA GLY A 281 5.50 -2.25 16.06
C GLY A 281 6.51 -1.14 16.38
N GLU A 282 7.55 -0.99 15.56
CA GLU A 282 8.55 0.08 15.79
C GLU A 282 8.04 1.43 15.29
N LYS A 283 8.38 2.50 15.96
CA LYS A 283 8.03 3.83 15.47
C LYS A 283 8.92 4.16 14.25
N ILE A 284 8.29 4.66 13.18
CA ILE A 284 8.99 5.01 11.94
C ILE A 284 8.41 6.29 11.36
N TYR A 285 9.20 6.95 10.50
CA TYR A 285 8.67 8.02 9.65
C TYR A 285 7.80 7.43 8.54
N ALA A 286 6.66 8.07 8.34
CA ALA A 286 5.82 7.90 7.17
C ALA A 286 6.41 8.70 6.02
N PHE A 287 6.02 8.34 4.79
CA PHE A 287 6.51 9.01 3.57
C PHE A 287 5.63 10.19 3.25
N GLU A 288 4.31 9.97 3.20
CA GLU A 288 3.34 11.05 3.05
C GLU A 288 2.21 10.88 4.08
N VAL A 289 1.76 11.99 4.65
CA VAL A 289 0.57 11.99 5.51
C VAL A 289 -0.36 13.10 5.11
N ASP A 290 -1.64 13.00 5.50
CA ASP A 290 -2.62 14.03 5.16
C ASP A 290 -3.10 14.86 6.33
N GLY A 291 -2.67 14.49 7.53
CA GLY A 291 -3.17 15.13 8.73
C GLY A 291 -4.56 14.59 9.12
N LEU A 292 -5.07 13.64 8.34
CA LEU A 292 -6.42 13.12 8.58
C LEU A 292 -6.31 11.72 9.12
N GLY A 293 -5.09 11.23 9.31
CA GLY A 293 -4.88 9.91 9.88
C GLY A 293 -4.29 8.93 8.90
N ASN A 294 -4.24 9.28 7.61
CA ASN A 294 -3.55 8.45 6.65
C ASN A 294 -2.03 8.71 6.65
N ALA A 295 -1.25 7.64 6.57
CA ALA A 295 0.22 7.76 6.56
C ALA A 295 0.81 6.58 5.81
N SER A 296 1.48 6.82 4.67
CA SER A 296 1.98 5.70 3.85
C SER A 296 3.33 5.17 4.38
N ILE A 297 3.51 3.85 4.27
CA ILE A 297 4.78 3.23 4.63
C ILE A 297 5.49 2.81 3.34
N MET A 298 6.50 3.60 2.95
CA MET A 298 7.23 3.43 1.71
C MET A 298 8.38 4.46 1.69
N ASP A 299 9.20 4.41 0.65
CA ASP A 299 10.10 5.51 0.33
C ASP A 299 10.22 5.52 -1.16
N ASP A 300 10.56 6.68 -1.72
CA ASP A 300 10.85 6.83 -3.14
C ASP A 300 12.33 7.17 -3.36
N PRO A 301 12.93 6.59 -4.41
CA PRO A 301 14.39 6.78 -4.61
C PRO A 301 14.79 8.24 -4.84
N ASN A 302 13.88 9.06 -5.38
CA ASN A 302 14.23 10.47 -5.64
C ASN A 302 14.50 11.25 -4.37
N VAL A 303 15.50 12.11 -4.39
CA VAL A 303 15.78 12.90 -3.18
C VAL A 303 15.25 14.34 -3.26
N PRO A 304 14.65 14.85 -2.14
CA PRO A 304 14.67 14.29 -0.79
C PRO A 304 13.81 13.03 -0.65
N SER A 305 14.36 12.03 0.05
CA SER A 305 13.67 10.79 0.35
C SER A 305 13.79 10.59 1.87
N LEU A 306 12.99 9.71 2.45
CA LEU A 306 13.22 9.34 3.87
C LEU A 306 14.64 8.76 4.04
N LEU A 307 15.07 7.91 3.11
CA LEU A 307 16.43 7.34 3.15
C LEU A 307 17.53 8.40 3.29
N ALA A 308 17.35 9.55 2.60
CA ALA A 308 18.37 10.63 2.49
C ALA A 308 18.36 11.59 3.67
N ALA A 309 17.47 11.37 4.64
CA ALA A 309 17.28 12.30 5.74
C ALA A 309 18.60 12.73 6.40
N PRO A 310 19.50 11.77 6.69
CA PRO A 310 20.76 12.23 7.30
C PRO A 310 21.68 12.92 6.28
N TYR A 311 21.64 12.49 5.03
CA TYR A 311 22.40 13.17 3.98
C TYR A 311 21.94 14.62 3.77
N LEU A 312 20.62 14.84 3.89
CA LEU A 312 20.04 16.21 3.87
C LEU A 312 20.36 17.04 5.11
N GLY A 313 20.87 16.39 6.16
CA GLY A 313 21.15 17.08 7.41
C GLY A 313 19.95 17.19 8.35
N TYR A 314 18.90 16.40 8.13
CA TYR A 314 17.74 16.52 9.02
C TYR A 314 17.97 15.84 10.37
N CYS A 315 18.63 14.67 10.35
CA CYS A 315 18.81 13.92 11.60
C CYS A 315 20.12 13.19 11.50
N SER A 316 20.55 12.62 12.62
CA SER A 316 21.75 11.84 12.64
C SER A 316 21.47 10.51 11.97
N VAL A 317 22.47 9.98 11.29
CA VAL A 317 22.42 8.59 10.80
C VAL A 317 22.18 7.57 11.95
N ASP A 318 22.61 7.94 13.16
CA ASP A 318 22.53 7.08 14.35
C ASP A 318 21.14 7.15 15.03
N ASP A 319 20.28 8.04 14.56
CA ASP A 319 18.97 8.23 15.21
C ASP A 319 18.14 6.92 15.16
N GLU A 320 17.56 6.53 16.28
CA GLU A 320 16.79 5.28 16.39
C GLU A 320 15.62 5.21 15.42
N VAL A 321 14.79 6.26 15.36
CA VAL A 321 13.62 6.26 14.47
C VAL A 321 14.06 6.22 12.98
N TYR A 322 15.12 6.98 12.67
CA TYR A 322 15.69 6.91 11.33
C TYR A 322 16.11 5.49 11.00
N GLN A 323 16.83 4.82 11.91
CA GLN A 323 17.33 3.47 11.63
C GLN A 323 16.17 2.45 11.44
N ALA A 324 15.11 2.60 12.22
CA ALA A 324 13.94 1.74 12.07
C ALA A 324 13.25 1.94 10.74
N THR A 325 13.12 3.21 10.35
CA THR A 325 12.58 3.61 9.06
C THR A 325 13.43 3.02 7.90
N ARG A 326 14.74 3.16 8.00
CA ARG A 326 15.68 2.63 7.00
C ARG A 326 15.57 1.09 6.83
N ARG A 327 15.52 0.35 7.93
CA ARG A 327 15.26 -1.09 7.90
C ARG A 327 13.96 -1.47 7.20
N THR A 328 12.92 -0.67 7.42
CA THR A 328 11.63 -0.91 6.84
C THR A 328 11.67 -0.58 5.32
N ILE A 329 12.32 0.53 4.98
CA ILE A 329 12.43 1.04 3.59
C ILE A 329 13.20 0.06 2.73
N LEU A 330 14.28 -0.49 3.28
CA LEU A 330 15.13 -1.43 2.54
C LEU A 330 14.67 -2.87 2.81
N SER A 331 13.38 -3.14 2.61
CA SER A 331 12.78 -4.46 2.83
C SER A 331 11.48 -4.50 2.07
N SER A 332 10.91 -5.68 1.94
CA SER A 332 9.72 -5.83 1.12
C SER A 332 8.47 -5.24 1.79
N GLU A 333 8.61 -4.76 3.03
CA GLU A 333 7.55 -3.97 3.68
C GLU A 333 7.31 -2.64 2.94
N ASN A 334 8.33 -2.15 2.26
CA ASN A 334 8.20 -1.03 1.31
C ASN A 334 7.80 -1.61 -0.04
N PRO A 335 6.63 -1.22 -0.59
CA PRO A 335 6.13 -1.79 -1.86
C PRO A 335 7.01 -1.43 -3.08
N TYR A 336 7.92 -0.47 -2.92
CA TYR A 336 8.86 -0.15 -3.99
C TYR A 336 10.24 -0.80 -3.81
N PHE A 337 10.38 -1.66 -2.81
CA PHE A 337 11.65 -2.38 -2.62
C PHE A 337 11.61 -3.59 -3.52
N TYR A 338 12.58 -3.69 -4.43
CA TYR A 338 12.65 -4.82 -5.36
C TYR A 338 13.94 -5.58 -5.22
N GLN A 339 13.86 -6.91 -5.40
CA GLN A 339 15.02 -7.79 -5.22
C GLN A 339 15.21 -8.67 -6.45
N GLY A 340 16.45 -8.74 -6.92
CA GLY A 340 16.77 -9.62 -8.06
C GLY A 340 18.15 -10.22 -8.05
N GLU A 341 18.50 -10.84 -9.18
CA GLU A 341 19.80 -11.53 -9.26
C GLU A 341 21.01 -10.62 -9.05
N TYR A 342 20.99 -9.45 -9.67
CA TYR A 342 22.14 -8.53 -9.66
C TYR A 342 22.12 -7.55 -8.48
N ALA A 343 20.92 -7.20 -7.98
CA ALA A 343 20.81 -6.17 -6.93
C ALA A 343 19.44 -6.12 -6.28
N SER A 344 19.37 -5.41 -5.16
CA SER A 344 18.12 -5.04 -4.50
C SER A 344 18.20 -3.56 -4.19
N GLY A 345 17.05 -2.90 -4.24
CA GLY A 345 16.99 -1.49 -3.98
C GLY A 345 15.61 -0.98 -4.31
N LEU A 346 15.56 0.28 -4.74
CA LEU A 346 14.33 1.04 -4.68
C LEU A 346 13.86 1.42 -6.07
N GLY A 347 12.63 1.00 -6.42
CA GLY A 347 11.97 1.47 -7.63
C GLY A 347 11.04 2.62 -7.30
N SER A 348 10.19 2.99 -8.26
CA SER A 348 9.40 4.20 -8.17
C SER A 348 8.10 4.08 -9.00
N SER A 349 7.10 4.87 -8.62
CA SER A 349 5.85 4.95 -9.33
C SER A 349 6.13 5.43 -10.78
N HIS A 350 7.26 6.12 -10.92
CA HIS A 350 7.71 6.75 -12.14
C HIS A 350 8.44 5.78 -13.08
N THR A 351 8.88 4.62 -12.61
CA THR A 351 9.62 3.68 -13.47
C THR A 351 8.99 2.30 -13.47
N PHE A 352 9.51 1.39 -14.30
CA PHE A 352 8.87 0.09 -14.50
C PHE A 352 9.09 -0.82 -13.30
N TYR A 353 8.15 -1.74 -13.08
CA TYR A 353 8.26 -2.70 -12.00
C TYR A 353 9.56 -3.48 -12.17
N ARG A 354 10.21 -3.76 -11.04
CA ARG A 354 11.51 -4.45 -10.98
C ARG A 354 12.72 -3.59 -11.35
N TYR A 355 12.54 -2.33 -11.70
CA TYR A 355 13.68 -1.47 -12.00
C TYR A 355 13.99 -0.61 -10.78
N ILE A 356 15.25 -0.60 -10.35
CA ILE A 356 15.68 0.15 -9.17
C ILE A 356 16.63 1.25 -9.58
N TRP A 357 16.82 2.22 -8.69
CA TRP A 357 17.48 3.49 -9.00
C TRP A 357 18.91 3.54 -8.45
N PRO A 358 19.91 3.71 -9.32
CA PRO A 358 21.27 3.96 -8.78
C PRO A 358 21.35 5.09 -7.77
N ILE A 359 20.57 6.15 -7.96
CA ILE A 359 20.58 7.27 -7.03
C ILE A 359 20.31 6.83 -5.60
N ALA A 360 19.33 5.95 -5.40
CA ALA A 360 19.03 5.45 -4.05
C ALA A 360 20.10 4.49 -3.51
N LEU A 361 20.85 3.85 -4.42
CA LEU A 361 21.94 3.02 -3.96
C LEU A 361 23.05 3.96 -3.45
N SER A 362 23.25 5.07 -4.17
CA SER A 362 24.29 6.06 -3.81
C SER A 362 23.93 6.67 -2.46
N ILE A 363 22.69 7.08 -2.32
CA ILE A 363 22.15 7.62 -1.08
C ILE A 363 22.23 6.61 0.06
N GLN A 364 21.86 5.35 -0.20
CA GLN A 364 22.07 4.28 0.78
C GLN A 364 23.51 4.27 1.35
N GLY A 365 24.52 4.32 0.48
CA GLY A 365 25.90 4.33 0.95
C GLY A 365 26.27 5.61 1.67
N LEU A 366 25.68 6.72 1.23
CA LEU A 366 25.91 8.03 1.81
C LEU A 366 25.29 8.17 3.19
N THR A 367 24.42 7.23 3.56
CA THR A 367 23.69 7.28 4.83
C THR A 367 23.93 6.02 5.71
N THR A 368 25.15 5.48 5.61
CA THR A 368 25.60 4.47 6.55
C THR A 368 27.03 4.79 6.92
N ARG A 369 27.37 4.61 8.19
CA ARG A 369 28.78 4.70 8.64
C ARG A 369 29.61 3.50 8.19
N ASP A 370 28.93 2.42 7.81
CA ASP A 370 29.60 1.15 7.40
C ASP A 370 30.36 1.22 6.06
N LYS A 371 31.67 1.39 6.16
CA LYS A 371 32.54 1.45 4.99
C LYS A 371 32.41 0.25 4.06
N ALA A 372 32.20 -0.94 4.64
CA ALA A 372 32.01 -2.15 3.85
C ALA A 372 30.75 -2.03 3.01
N GLU A 373 29.72 -1.40 3.57
CA GLU A 373 28.47 -1.20 2.85
C GLU A 373 28.65 -0.17 1.74
N LYS A 374 29.31 0.95 2.04
CA LYS A 374 29.65 1.94 1.00
C LYS A 374 30.39 1.26 -0.16
N LYS A 375 31.43 0.50 0.17
CA LYS A 375 32.23 -0.19 -0.89
C LYS A 375 31.35 -1.15 -1.69
N PHE A 376 30.54 -1.93 -0.99
CA PHE A 376 29.63 -2.86 -1.68
C PHE A 376 28.72 -2.13 -2.69
N LEU A 377 28.18 -0.98 -2.29
CA LEU A 377 27.26 -0.26 -3.13
C LEU A 377 27.99 0.37 -4.31
N LEU A 378 29.19 0.88 -4.07
CA LEU A 378 30.00 1.39 -5.17
C LEU A 378 30.29 0.28 -6.21
N ASP A 379 30.72 -0.90 -5.74
CA ASP A 379 30.99 -2.00 -6.67
C ASP A 379 29.72 -2.40 -7.45
N GLN A 380 28.58 -2.37 -6.76
CA GLN A 380 27.32 -2.74 -7.35
C GLN A 380 26.89 -1.69 -8.40
N LEU A 381 27.10 -0.41 -8.09
CA LEU A 381 26.81 0.66 -9.04
C LEU A 381 27.58 0.49 -10.35
N VAL A 382 28.87 0.18 -10.25
CA VAL A 382 29.66 0.02 -11.46
C VAL A 382 29.33 -1.28 -12.20
N ALA A 383 29.11 -2.36 -11.44
CA ALA A 383 28.75 -3.66 -12.03
C ALA A 383 27.39 -3.62 -12.74
N CYS A 384 26.47 -2.79 -12.27
CA CYS A 384 25.13 -2.72 -12.87
C CYS A 384 24.94 -1.54 -13.83
N ASP A 385 25.99 -1.17 -14.59
CA ASP A 385 25.92 -0.01 -15.51
C ASP A 385 25.53 -0.42 -16.94
N GLY A 386 25.21 -1.71 -17.13
CA GLY A 386 24.90 -2.25 -18.47
C GLY A 386 26.04 -2.12 -19.48
N GLY A 387 27.28 -2.03 -18.99
CA GLY A 387 28.44 -1.84 -19.87
C GLY A 387 28.64 -0.41 -20.37
N THR A 388 27.84 0.53 -19.88
CA THR A 388 27.91 1.92 -20.36
C THR A 388 28.94 2.79 -19.63
N GLY A 389 29.39 2.36 -18.44
CA GLY A 389 30.26 3.21 -17.60
C GLY A 389 29.66 4.53 -17.12
N VAL A 390 28.35 4.66 -17.10
CA VAL A 390 27.74 5.84 -16.50
C VAL A 390 26.53 5.33 -15.71
N MET A 391 25.83 6.22 -14.99
CA MET A 391 24.71 5.85 -14.13
C MET A 391 23.39 6.13 -14.83
N HIS A 392 22.43 5.24 -14.65
CA HIS A 392 21.10 5.39 -15.25
C HIS A 392 20.03 5.80 -14.23
N GLU A 393 18.85 6.11 -14.73
CA GLU A 393 17.72 6.42 -13.85
C GLU A 393 17.31 5.16 -13.09
N SER A 394 17.04 4.08 -13.83
CA SER A 394 16.66 2.85 -13.17
C SER A 394 17.21 1.69 -13.97
N PHE A 395 17.40 0.54 -13.34
CA PHE A 395 17.83 -0.68 -14.08
C PHE A 395 17.13 -1.93 -13.52
N HIS A 396 16.90 -2.94 -14.35
CA HIS A 396 16.14 -4.11 -13.93
C HIS A 396 17.04 -4.96 -13.06
N VAL A 397 16.53 -5.33 -11.87
CA VAL A 397 17.32 -6.08 -10.87
C VAL A 397 17.89 -7.40 -11.36
N ASP A 398 17.24 -8.00 -12.37
CA ASP A 398 17.71 -9.26 -12.94
C ASP A 398 18.50 -9.07 -14.24
N ASP A 399 18.65 -7.84 -14.71
CA ASP A 399 19.36 -7.59 -15.96
C ASP A 399 19.62 -6.11 -16.16
N PRO A 400 20.75 -5.60 -15.63
CA PRO A 400 21.06 -4.17 -15.70
C PRO A 400 21.36 -3.61 -17.10
N THR A 401 21.38 -4.46 -18.13
CA THR A 401 21.38 -3.95 -19.53
C THR A 401 20.02 -3.46 -19.91
N LEU A 402 19.04 -3.66 -19.01
CA LEU A 402 17.72 -3.08 -19.21
C LEU A 402 17.64 -1.91 -18.25
N TYR A 403 17.44 -0.71 -18.78
CA TYR A 403 17.52 0.45 -17.95
C TYR A 403 16.84 1.63 -18.59
N SER A 404 16.56 2.64 -17.78
CA SER A 404 15.97 3.88 -18.31
C SER A 404 16.98 5.05 -18.14
N ARG A 405 16.92 5.97 -19.11
CA ARG A 405 17.73 7.20 -19.21
C ARG A 405 19.20 6.94 -19.46
N GLU A 406 19.58 6.99 -20.72
CA GLU A 406 20.98 6.84 -21.13
C GLU A 406 21.87 7.84 -20.43
N TRP A 407 21.43 9.09 -20.39
CA TRP A 407 22.20 10.20 -19.85
C TRP A 407 21.45 10.85 -18.69
N PHE A 408 21.88 10.54 -17.48
CA PHE A 408 21.12 10.99 -16.30
C PHE A 408 22.10 11.63 -15.33
N SER A 409 22.31 12.95 -15.48
CA SER A 409 23.42 13.61 -14.77
C SER A 409 23.31 13.58 -13.26
N TRP A 410 22.08 13.69 -12.77
CA TRP A 410 21.82 13.65 -11.34
C TRP A 410 22.36 12.35 -10.75
N ALA A 411 22.06 11.23 -11.39
CA ALA A 411 22.54 9.93 -10.92
C ALA A 411 24.06 9.82 -11.04
N ASN A 412 24.60 10.36 -12.14
CA ASN A 412 26.02 10.43 -12.39
C ASN A 412 26.73 11.11 -11.24
N MET A 413 26.18 12.26 -10.82
CA MET A 413 26.79 13.08 -9.78
C MET A 413 26.64 12.50 -8.37
N MET A 414 25.55 11.79 -8.12
CA MET A 414 25.37 11.13 -6.80
C MET A 414 26.32 9.91 -6.65
N PHE A 415 26.66 9.27 -7.76
CA PHE A 415 27.75 8.31 -7.75
C PHE A 415 29.07 9.00 -7.31
N CYS A 416 29.38 10.14 -7.94
CA CYS A 416 30.56 10.88 -7.59
C CYS A 416 30.56 11.20 -6.09
N GLU A 417 29.42 11.69 -5.56
CA GLU A 417 29.31 11.94 -4.14
C GLU A 417 29.63 10.76 -3.23
N LEU A 418 29.16 9.55 -3.57
CA LEU A 418 29.49 8.39 -2.76
C LEU A 418 30.97 8.06 -2.83
N VAL A 419 31.56 8.18 -4.03
CA VAL A 419 33.01 7.95 -4.17
C VAL A 419 33.83 8.90 -3.29
N LEU A 420 33.53 10.20 -3.40
CA LEU A 420 34.24 11.19 -2.59
C LEU A 420 34.04 10.90 -1.09
N ASP A 421 32.81 10.54 -0.70
CA ASP A 421 32.51 10.16 0.68
C ASP A 421 33.39 8.96 1.10
N TYR A 422 33.44 7.93 0.26
CA TYR A 422 34.28 6.76 0.58
C TYR A 422 35.76 7.16 0.82
N LEU A 423 36.20 8.17 0.06
CA LEU A 423 37.59 8.63 0.07
C LEU A 423 37.86 9.66 1.14
N ASP A 424 36.84 9.93 1.98
CA ASP A 424 36.92 10.95 3.01
C ASP A 424 37.36 12.28 2.42
N ILE A 425 36.88 12.60 1.23
CA ILE A 425 37.17 13.88 0.64
C ILE A 425 35.99 14.74 1.02
N ARG A 426 36.31 15.78 1.78
CA ARG A 426 35.37 16.49 2.60
C ARG A 426 35.96 17.88 2.82
N MET B 1 -36.68 -27.47 19.28
CA MET B 1 -35.79 -28.68 19.21
C MET B 1 -34.84 -28.67 18.01
N VAL B 2 -33.56 -28.50 18.33
CA VAL B 2 -32.58 -28.16 17.35
C VAL B 2 -31.67 -29.37 17.06
N TYR B 3 -31.38 -30.14 18.10
CA TYR B 3 -30.48 -31.26 18.00
C TYR B 3 -30.73 -32.24 19.13
N SER B 4 -30.12 -33.41 19.05
CA SER B 4 -30.17 -34.42 20.12
C SER B 4 -29.04 -34.20 21.12
N LYS B 5 -29.38 -33.85 22.35
CA LYS B 5 -28.34 -33.63 23.36
C LYS B 5 -27.53 -34.88 23.61
N GLU B 6 -28.20 -36.04 23.59
CA GLU B 6 -27.54 -37.32 23.84
C GLU B 6 -26.50 -37.70 22.76
N ILE B 7 -26.93 -37.62 21.50
CA ILE B 7 -26.02 -37.91 20.38
C ILE B 7 -24.83 -36.93 20.33
N VAL B 8 -25.13 -35.63 20.46
CA VAL B 8 -24.09 -34.64 20.37
C VAL B 8 -23.10 -34.82 21.52
N ARG B 9 -23.63 -35.06 22.72
CA ARG B 9 -22.76 -35.21 23.87
C ARG B 9 -21.82 -36.43 23.64
N GLU B 10 -22.39 -37.52 23.15
CA GLU B 10 -21.58 -38.72 22.92
C GLU B 10 -20.52 -38.46 21.84
N TRP B 11 -20.88 -37.72 20.79
CA TRP B 11 -19.92 -37.37 19.74
C TRP B 11 -18.78 -36.53 20.36
N LEU B 12 -19.13 -35.56 21.19
CA LEU B 12 -18.13 -34.74 21.89
C LEU B 12 -17.22 -35.60 22.79
N ASP B 13 -17.80 -36.57 23.49
CA ASP B 13 -16.98 -37.53 24.25
C ASP B 13 -15.94 -38.20 23.36
N GLU B 14 -16.38 -38.63 22.18
CA GLU B 14 -15.44 -39.32 21.29
C GLU B 14 -14.32 -38.40 20.89
N VAL B 15 -14.66 -37.16 20.58
CA VAL B 15 -13.65 -36.16 20.22
C VAL B 15 -12.69 -35.88 21.37
N ALA B 16 -13.21 -35.65 22.58
CA ALA B 16 -12.35 -35.48 23.76
C ALA B 16 -11.37 -36.64 23.97
N GLU B 17 -11.82 -37.88 23.72
CA GLU B 17 -10.96 -39.08 23.84
C GLU B 17 -9.84 -39.06 22.80
N ARG B 18 -10.19 -38.73 21.54
CA ARG B 18 -9.22 -38.58 20.47
C ARG B 18 -8.20 -37.51 20.82
N ALA B 19 -8.68 -36.45 21.46
CA ALA B 19 -7.83 -35.31 21.84
C ALA B 19 -7.37 -35.37 23.31
N LYS B 20 -7.35 -36.56 23.91
CA LYS B 20 -7.02 -36.70 25.33
C LYS B 20 -5.61 -36.18 25.70
N ASP B 21 -4.69 -36.10 24.76
CA ASP B 21 -3.38 -35.50 25.07
C ASP B 21 -3.42 -33.98 25.09
N TYR B 22 -4.56 -33.39 24.73
CA TYR B 22 -4.64 -31.95 24.59
C TYR B 22 -5.81 -31.37 25.36
N PRO B 23 -5.81 -31.53 26.70
CA PRO B 23 -6.94 -31.04 27.51
C PRO B 23 -7.26 -29.55 27.34
N GLU B 24 -6.25 -28.70 27.16
CA GLU B 24 -6.52 -27.29 26.96
C GLU B 24 -7.35 -27.06 25.68
N TRP B 25 -7.04 -27.80 24.61
CA TRP B 25 -7.86 -27.71 23.39
C TRP B 25 -9.27 -28.19 23.63
N VAL B 26 -9.42 -29.32 24.33
CA VAL B 26 -10.76 -29.88 24.58
C VAL B 26 -11.65 -28.85 25.33
N ASP B 27 -11.08 -28.24 26.38
CA ASP B 27 -11.74 -27.20 27.19
C ASP B 27 -12.37 -26.15 26.27
N VAL B 28 -11.55 -25.62 25.36
CA VAL B 28 -11.97 -24.51 24.51
C VAL B 28 -12.90 -25.04 23.43
N PHE B 29 -12.54 -26.19 22.89
CA PHE B 29 -13.40 -26.82 21.87
C PHE B 29 -14.87 -26.97 22.34
N GLU B 30 -15.06 -27.53 23.52
CA GLU B 30 -16.39 -27.82 24.05
C GLU B 30 -17.13 -26.52 24.30
N ARG B 31 -16.42 -25.56 24.89
CA ARG B 31 -17.03 -24.27 25.16
C ARG B 31 -17.54 -23.58 23.84
N CYS B 32 -16.69 -23.53 22.81
CA CYS B 32 -17.04 -22.93 21.52
C CYS B 32 -18.18 -23.68 20.87
N TYR B 33 -18.00 -24.99 20.77
CA TYR B 33 -18.99 -25.84 20.09
C TYR B 33 -20.40 -25.78 20.72
N THR B 34 -20.45 -25.80 22.03
CA THR B 34 -21.73 -25.74 22.74
C THR B 34 -22.31 -24.33 22.66
N ASP B 35 -21.47 -23.32 22.79
CA ASP B 35 -22.01 -21.99 22.77
C ASP B 35 -22.78 -21.67 21.48
N THR B 36 -22.16 -21.96 20.35
CA THR B 36 -22.76 -21.73 19.04
C THR B 36 -24.10 -22.43 18.88
N LEU B 37 -24.10 -23.72 19.21
CA LEU B 37 -25.27 -24.58 19.03
C LEU B 37 -26.44 -24.11 19.90
N ASP B 38 -26.16 -23.84 21.18
CA ASP B 38 -27.19 -23.50 22.15
C ASP B 38 -27.64 -22.08 22.06
N ASN B 39 -26.76 -21.18 21.64
CA ASN B 39 -27.04 -19.75 21.75
C ASN B 39 -27.23 -18.97 20.44
N THR B 40 -26.93 -19.56 19.30
CA THR B 40 -27.11 -18.83 18.06
C THR B 40 -28.16 -19.42 17.12
N VAL B 41 -28.59 -20.67 17.38
CA VAL B 41 -29.42 -21.43 16.43
C VAL B 41 -30.86 -21.41 16.89
N GLU B 42 -31.77 -20.93 16.05
CA GLU B 42 -33.16 -21.12 16.43
C GLU B 42 -34.08 -21.54 15.30
N ILE B 43 -35.15 -22.21 15.68
CA ILE B 43 -36.09 -22.73 14.70
C ILE B 43 -37.22 -21.75 14.61
N LEU B 44 -37.47 -21.23 13.41
CA LEU B 44 -38.54 -20.25 13.21
C LEU B 44 -39.92 -20.93 13.12
N GLU B 45 -40.97 -20.11 13.08
CA GLU B 45 -42.36 -20.58 13.03
C GLU B 45 -42.63 -21.51 11.84
N ASP B 46 -42.11 -21.14 10.67
CA ASP B 46 -42.29 -22.01 9.51
C ASP B 46 -41.38 -23.23 9.53
N GLY B 47 -40.63 -23.45 10.63
CA GLY B 47 -39.81 -24.66 10.76
C GLY B 47 -38.41 -24.55 10.18
N SER B 48 -38.11 -23.41 9.54
CA SER B 48 -36.75 -23.21 8.99
C SER B 48 -35.80 -22.73 10.10
N THR B 49 -34.52 -22.51 9.78
CA THR B 49 -33.52 -22.21 10.82
C THR B 49 -32.98 -20.80 10.69
N PHE B 50 -32.89 -20.08 11.81
CA PHE B 50 -32.27 -18.76 11.79
C PHE B 50 -31.06 -18.83 12.72
N VAL B 51 -29.94 -18.25 12.30
CA VAL B 51 -28.68 -18.27 13.07
C VAL B 51 -28.25 -16.82 13.34
N LEU B 52 -28.26 -16.46 14.61
CA LEU B 52 -27.86 -15.16 15.08
C LEU B 52 -26.35 -15.02 14.99
N THR B 53 -25.91 -13.78 14.83
CA THR B 53 -24.49 -13.49 14.83
C THR B 53 -24.09 -12.64 16.06
N GLY B 54 -24.77 -12.86 17.19
CA GLY B 54 -24.50 -12.17 18.48
C GLY B 54 -25.69 -12.13 19.41
N ASP B 55 -26.17 -10.93 19.72
CA ASP B 55 -27.46 -10.72 20.42
C ASP B 55 -28.47 -10.13 19.42
N ILE B 56 -27.94 -9.30 18.52
CA ILE B 56 -28.59 -8.70 17.35
C ILE B 56 -29.36 -9.75 16.53
N PRO B 57 -30.71 -9.63 16.45
CA PRO B 57 -31.48 -10.73 15.82
C PRO B 57 -31.34 -10.67 14.29
N ALA B 58 -30.09 -10.80 13.84
CA ALA B 58 -29.73 -10.72 12.43
C ALA B 58 -28.76 -11.83 12.04
N MET B 59 -29.00 -12.34 10.83
CA MET B 59 -28.25 -13.46 10.31
C MET B 59 -27.48 -13.01 9.08
N TRP B 60 -26.17 -13.25 9.09
CA TRP B 60 -25.30 -13.11 7.93
C TRP B 60 -25.28 -14.45 7.17
N LEU B 61 -25.46 -14.37 5.85
CA LEU B 61 -25.34 -15.55 5.00
C LEU B 61 -23.97 -16.22 5.24
N ARG B 62 -22.91 -15.41 5.38
CA ARG B 62 -21.56 -15.90 5.58
C ARG B 62 -21.43 -16.59 6.93
N ASP B 63 -21.68 -15.83 8.00
CA ASP B 63 -21.50 -16.33 9.38
C ASP B 63 -22.30 -17.59 9.64
N SER B 64 -23.55 -17.60 9.17
CA SER B 64 -24.44 -18.71 9.49
C SER B 64 -23.90 -20.02 8.87
N THR B 65 -23.42 -19.95 7.63
CA THR B 65 -22.80 -21.13 7.02
C THR B 65 -21.60 -21.61 7.81
N ALA B 66 -20.71 -20.66 8.11
CA ALA B 66 -19.42 -21.00 8.72
C ALA B 66 -19.61 -21.56 10.13
N GLN B 67 -20.60 -21.01 10.85
CA GLN B 67 -20.94 -21.45 12.19
C GLN B 67 -21.49 -22.87 12.21
N LEU B 68 -22.26 -23.25 11.20
CA LEU B 68 -22.95 -24.55 11.21
C LEU B 68 -22.16 -25.65 10.54
N ARG B 69 -21.23 -25.26 9.67
CA ARG B 69 -20.37 -26.22 8.96
C ARG B 69 -19.83 -27.37 9.85
N PRO B 70 -19.23 -27.05 11.02
CA PRO B 70 -18.60 -28.11 11.84
C PRO B 70 -19.58 -29.08 12.49
N TYR B 71 -20.88 -28.76 12.45
CA TYR B 71 -21.89 -29.68 12.97
C TYR B 71 -22.23 -30.73 11.92
N LEU B 72 -21.69 -30.59 10.71
CA LEU B 72 -21.93 -31.57 9.68
C LEU B 72 -21.46 -32.99 10.09
N HIS B 73 -20.37 -33.10 10.83
CA HIS B 73 -19.87 -34.41 11.28
C HIS B 73 -20.90 -35.13 12.15
N VAL B 74 -21.40 -34.44 13.18
CA VAL B 74 -22.38 -35.06 14.07
C VAL B 74 -23.75 -35.22 13.40
N ALA B 75 -24.07 -34.34 12.46
CA ALA B 75 -25.31 -34.48 11.66
C ALA B 75 -25.38 -35.78 10.84
N LYS B 76 -24.25 -36.44 10.63
CA LYS B 76 -24.27 -37.80 10.07
C LYS B 76 -24.98 -38.79 11.04
N ARG B 77 -24.97 -38.48 12.34
CA ARG B 77 -25.60 -39.34 13.35
C ARG B 77 -26.94 -38.81 13.82
N ASP B 78 -27.06 -37.48 13.93
CA ASP B 78 -28.16 -36.84 14.63
C ASP B 78 -29.10 -36.32 13.55
N ALA B 79 -30.14 -37.11 13.27
CA ALA B 79 -31.04 -36.79 12.19
C ALA B 79 -31.80 -35.47 12.39
N LEU B 80 -32.06 -35.12 13.66
CA LEU B 80 -32.77 -33.84 13.96
C LEU B 80 -31.87 -32.64 13.59
N LEU B 81 -30.60 -32.71 13.96
CA LEU B 81 -29.66 -31.64 13.61
C LEU B 81 -29.43 -31.55 12.08
N ARG B 82 -29.47 -32.69 11.41
CA ARG B 82 -29.39 -32.71 9.97
C ARG B 82 -30.58 -31.91 9.38
N GLN B 83 -31.77 -32.09 9.94
CA GLN B 83 -32.95 -31.32 9.53
C GLN B 83 -32.75 -29.87 9.81
N THR B 84 -32.22 -29.57 10.99
CA THR B 84 -31.93 -28.19 11.35
C THR B 84 -31.00 -27.51 10.32
N ILE B 85 -29.92 -28.18 9.91
CA ILE B 85 -28.99 -27.59 8.93
C ILE B 85 -29.66 -27.45 7.57
N ALA B 86 -30.47 -28.45 7.20
CA ALA B 86 -31.26 -28.31 5.96
C ALA B 86 -32.18 -27.08 6.05
N GLY B 87 -32.79 -26.85 7.22
CA GLY B 87 -33.65 -25.70 7.41
C GLY B 87 -32.91 -24.37 7.39
N LEU B 88 -31.62 -24.36 7.74
CA LEU B 88 -30.76 -23.16 7.52
C LEU B 88 -30.59 -22.86 6.03
N VAL B 89 -30.23 -23.87 5.26
CA VAL B 89 -30.14 -23.68 3.79
C VAL B 89 -31.45 -23.09 3.24
N LYS B 90 -32.58 -23.68 3.60
CA LYS B 90 -33.91 -23.19 3.10
C LYS B 90 -34.14 -21.75 3.49
N ARG B 91 -33.78 -21.38 4.72
CA ARG B 91 -33.93 -20.00 5.16
C ARG B 91 -32.95 -19.06 4.41
N GLN B 92 -31.71 -19.51 4.18
CA GLN B 92 -30.74 -18.71 3.42
C GLN B 92 -31.25 -18.42 2.01
N MET B 93 -31.72 -19.45 1.34
CA MET B 93 -32.23 -19.34 -0.02
C MET B 93 -33.48 -18.45 -0.11
N THR B 94 -34.37 -18.59 0.87
CA THR B 94 -35.54 -17.68 1.00
C THR B 94 -35.06 -16.22 1.15
N LEU B 95 -33.99 -15.99 1.91
CA LEU B 95 -33.55 -14.63 2.16
C LEU B 95 -32.88 -14.05 0.89
N VAL B 96 -32.09 -14.88 0.21
CA VAL B 96 -31.47 -14.47 -1.06
C VAL B 96 -32.55 -13.99 -2.04
N LEU B 97 -33.68 -14.67 -2.07
CA LEU B 97 -34.81 -14.24 -2.93
C LEU B 97 -35.39 -12.90 -2.49
N LYS B 98 -35.42 -12.64 -1.19
CA LYS B 98 -35.84 -11.34 -0.63
C LYS B 98 -34.98 -10.19 -1.18
N ASP B 99 -33.65 -10.40 -1.17
CA ASP B 99 -32.71 -9.43 -1.74
C ASP B 99 -31.35 -10.08 -1.92
N PRO B 100 -30.98 -10.38 -3.18
CA PRO B 100 -29.71 -11.11 -3.36
C PRO B 100 -28.48 -10.23 -3.21
N TYR B 101 -28.68 -8.93 -3.06
CA TYR B 101 -27.55 -8.03 -2.80
C TYR B 101 -27.20 -7.91 -1.29
N ALA B 102 -28.05 -8.41 -0.38
CA ALA B 102 -27.84 -8.15 1.05
C ALA B 102 -26.93 -9.17 1.74
N ASN B 103 -26.08 -8.68 2.62
CA ASN B 103 -25.22 -9.59 3.39
C ASN B 103 -25.87 -10.09 4.67
N SER B 104 -26.88 -9.37 5.15
CA SER B 104 -27.41 -9.63 6.50
C SER B 104 -28.91 -9.37 6.63
N PHE B 105 -29.61 -10.31 7.23
CA PHE B 105 -31.07 -10.27 7.28
C PHE B 105 -31.62 -10.33 8.70
N ASN B 106 -32.82 -9.78 8.86
CA ASN B 106 -33.52 -9.76 10.13
C ASN B 106 -34.36 -11.03 10.28
N ILE B 107 -34.67 -11.36 11.52
CA ILE B 107 -35.45 -12.55 11.84
C ILE B 107 -36.86 -12.51 11.21
N GLU B 108 -37.43 -11.33 11.12
CA GLU B 108 -38.69 -11.12 10.43
C GLU B 108 -38.64 -9.71 9.83
N GLU B 109 -39.74 -9.28 9.24
CA GLU B 109 -39.77 -8.01 8.51
C GLU B 109 -39.88 -6.84 9.48
N ASN B 110 -38.80 -6.57 10.20
CA ASN B 110 -38.83 -5.67 11.34
C ASN B 110 -38.07 -4.34 11.24
N TRP B 111 -37.32 -4.14 10.15
CA TRP B 111 -36.56 -2.89 9.92
C TRP B 111 -35.49 -2.65 10.95
N LYS B 112 -35.06 -3.71 11.63
CA LYS B 112 -33.93 -3.53 12.49
C LYS B 112 -32.67 -3.36 11.62
N GLY B 113 -31.65 -2.74 12.22
CA GLY B 113 -30.39 -2.54 11.55
C GLY B 113 -30.13 -1.14 11.04
N HIS B 114 -29.52 -1.08 9.85
CA HIS B 114 -28.84 0.13 9.37
C HIS B 114 -29.64 1.06 8.46
N HIS B 115 -30.94 0.84 8.35
CA HIS B 115 -31.70 1.56 7.36
C HIS B 115 -31.51 3.09 7.45
N GLU B 116 -31.40 3.63 8.67
CA GLU B 116 -31.36 5.09 8.86
C GLU B 116 -30.16 5.78 8.19
N THR B 117 -29.04 5.09 8.03
CA THR B 117 -27.84 5.70 7.46
C THR B 117 -27.59 5.29 6.02
N ASP B 118 -28.36 4.30 5.54
CA ASP B 118 -28.00 3.59 4.31
C ASP B 118 -28.89 3.96 3.15
N HIS B 119 -28.26 4.42 2.06
CA HIS B 119 -29.00 4.88 0.87
C HIS B 119 -28.83 3.84 -0.21
N THR B 120 -29.90 3.08 -0.43
CA THR B 120 -29.90 1.91 -1.33
C THR B 120 -31.31 1.38 -1.27
N ASP B 121 -31.69 0.52 -2.22
CA ASP B 121 -33.00 -0.16 -2.14
C ASP B 121 -33.08 -1.09 -0.92
N LEU B 122 -34.07 -0.84 -0.06
CA LEU B 122 -34.24 -1.57 1.21
C LEU B 122 -35.64 -2.12 1.39
N ASN B 123 -35.75 -3.21 2.16
CA ASN B 123 -37.02 -3.63 2.77
C ASN B 123 -36.79 -4.00 4.24
N GLY B 124 -37.85 -4.31 4.97
CA GLY B 124 -37.73 -4.56 6.41
C GLY B 124 -36.92 -5.80 6.78
N TRP B 125 -36.78 -6.72 5.82
CA TRP B 125 -36.02 -7.96 6.06
C TRP B 125 -34.53 -7.71 6.11
N ILE B 126 -34.10 -6.52 5.69
CA ILE B 126 -32.65 -6.27 5.58
C ILE B 126 -32.04 -5.59 6.80
N TRP B 127 -31.05 -6.26 7.38
CA TRP B 127 -30.27 -5.68 8.46
C TRP B 127 -29.25 -4.72 7.85
N GLU B 128 -28.51 -5.20 6.87
CA GLU B 128 -27.51 -4.42 6.20
C GLU B 128 -27.41 -4.86 4.75
N ARG B 129 -27.27 -3.93 3.81
CA ARG B 129 -27.26 -4.29 2.38
C ARG B 129 -25.90 -4.04 1.73
N LYS B 130 -24.86 -4.54 2.37
CA LYS B 130 -23.51 -4.48 1.81
C LYS B 130 -23.33 -5.68 0.88
N TYR B 131 -23.09 -5.44 -0.40
CA TYR B 131 -22.99 -6.56 -1.33
C TYR B 131 -21.59 -7.15 -1.35
N GLU B 132 -21.53 -8.43 -1.01
CA GLU B 132 -20.29 -9.18 -0.89
C GLU B 132 -20.47 -10.46 -1.69
N VAL B 133 -19.65 -10.62 -2.72
CA VAL B 133 -19.77 -11.81 -3.59
C VAL B 133 -19.89 -13.08 -2.74
N ASP B 134 -19.06 -13.17 -1.69
CA ASP B 134 -19.01 -14.36 -0.87
C ASP B 134 -20.30 -14.66 -0.14
N SER B 135 -21.09 -13.64 0.16
CA SER B 135 -22.42 -13.87 0.77
C SER B 135 -23.25 -14.90 0.00
N LEU B 136 -23.17 -14.87 -1.33
CA LEU B 136 -23.96 -15.78 -2.16
C LEU B 136 -23.23 -17.10 -2.41
N CYS B 137 -21.90 -17.12 -2.24
CA CYS B 137 -21.16 -18.37 -2.29
C CYS B 137 -21.52 -19.30 -1.12
N TYR B 138 -21.67 -18.71 0.06
CA TYR B 138 -21.75 -19.46 1.27
C TYR B 138 -22.99 -20.38 1.39
N PRO B 139 -24.18 -19.92 1.00
CA PRO B 139 -25.32 -20.82 1.07
C PRO B 139 -25.26 -21.99 0.06
N LEU B 140 -24.73 -21.72 -1.11
CA LEU B 140 -24.45 -22.78 -2.10
C LEU B 140 -23.44 -23.78 -1.52
N GLN B 141 -22.40 -23.28 -0.86
CA GLN B 141 -21.44 -24.15 -0.20
C GLN B 141 -22.07 -25.03 0.88
N LEU B 142 -22.91 -24.43 1.73
CA LEU B 142 -23.61 -25.19 2.77
C LEU B 142 -24.54 -26.28 2.17
N ALA B 143 -25.35 -25.89 1.21
CA ALA B 143 -26.21 -26.84 0.53
C ALA B 143 -25.39 -28.02 0.01
N TYR B 144 -24.26 -27.72 -0.63
CA TYR B 144 -23.40 -28.77 -1.19
C TYR B 144 -22.81 -29.62 -0.11
N LEU B 145 -22.22 -28.99 0.91
CA LEU B 145 -21.56 -29.71 1.99
C LEU B 145 -22.55 -30.62 2.77
N LEU B 146 -23.74 -30.08 3.05
CA LEU B 146 -24.78 -30.87 3.72
C LEU B 146 -25.09 -32.15 2.93
N TRP B 147 -25.24 -31.99 1.62
CA TRP B 147 -25.53 -33.11 0.72
C TRP B 147 -24.41 -34.13 0.72
N LYS B 148 -23.16 -33.66 0.61
CA LYS B 148 -22.01 -34.58 0.55
C LYS B 148 -21.71 -35.27 1.88
N GLU B 149 -21.82 -34.55 3.00
CA GLU B 149 -21.51 -35.17 4.29
C GLU B 149 -22.63 -36.10 4.81
N THR B 150 -23.89 -35.77 4.55
CA THR B 150 -24.97 -36.54 5.19
C THR B 150 -25.88 -37.27 4.21
N GLY B 151 -25.86 -36.85 2.94
CA GLY B 151 -26.80 -37.36 1.93
C GLY B 151 -28.10 -36.58 1.84
N GLU B 152 -28.33 -35.62 2.73
CA GLU B 152 -29.59 -34.84 2.74
C GLU B 152 -29.86 -34.12 1.43
N THR B 153 -31.10 -34.21 0.94
CA THR B 153 -31.46 -33.52 -0.30
C THR B 153 -32.67 -32.60 -0.21
N SER B 154 -33.37 -32.59 0.92
CA SER B 154 -34.59 -31.79 1.00
C SER B 154 -34.34 -30.31 0.83
N GLN B 155 -33.10 -29.86 1.08
CA GLN B 155 -32.74 -28.44 0.91
C GLN B 155 -32.75 -27.99 -0.55
N PHE B 156 -32.66 -28.94 -1.49
CA PHE B 156 -32.70 -28.63 -2.92
C PHE B 156 -34.17 -28.50 -3.43
N ASP B 157 -34.91 -27.52 -2.94
CA ASP B 157 -36.32 -27.42 -3.29
C ASP B 157 -36.55 -26.32 -4.34
N GLU B 158 -37.80 -25.93 -4.57
CA GLU B 158 -38.12 -24.87 -5.55
C GLU B 158 -37.38 -23.57 -5.20
N ILE B 159 -37.34 -23.24 -3.90
CA ILE B 159 -36.64 -22.05 -3.40
C ILE B 159 -35.15 -22.10 -3.77
N PHE B 160 -34.52 -23.26 -3.50
CA PHE B 160 -33.10 -23.46 -3.86
C PHE B 160 -32.85 -23.18 -5.36
N VAL B 161 -33.73 -23.72 -6.20
CA VAL B 161 -33.60 -23.58 -7.64
C VAL B 161 -33.79 -22.10 -8.00
N ALA B 162 -34.81 -21.45 -7.42
CA ALA B 162 -35.05 -20.06 -7.78
C ALA B 162 -33.89 -19.18 -7.34
N ALA B 163 -33.40 -19.40 -6.13
CA ALA B 163 -32.27 -18.63 -5.58
C ALA B 163 -30.97 -18.82 -6.39
N THR B 164 -30.69 -20.05 -6.78
CA THR B 164 -29.54 -20.34 -7.65
C THR B 164 -29.61 -19.53 -8.95
N LYS B 165 -30.77 -19.56 -9.60
CA LYS B 165 -30.99 -18.71 -10.78
C LYS B 165 -30.73 -17.23 -10.48
N GLU B 166 -31.27 -16.74 -9.37
CA GLU B 166 -31.02 -15.35 -8.98
C GLU B 166 -29.53 -15.09 -8.81
N ILE B 167 -28.79 -16.05 -8.25
CA ILE B 167 -27.35 -15.83 -8.01
C ILE B 167 -26.62 -15.78 -9.35
N LEU B 168 -26.94 -16.73 -10.23
CA LEU B 168 -26.26 -16.81 -11.53
C LEU B 168 -26.46 -15.54 -12.28
N HIS B 169 -27.69 -15.01 -12.22
CA HIS B 169 -28.08 -13.81 -12.94
C HIS B 169 -27.34 -12.59 -12.41
N LEU B 170 -27.35 -12.42 -11.09
CA LEU B 170 -26.69 -11.29 -10.45
C LEU B 170 -25.20 -11.33 -10.75
N TRP B 171 -24.58 -12.50 -10.61
CA TRP B 171 -23.16 -12.61 -10.89
C TRP B 171 -22.82 -12.26 -12.35
N THR B 172 -23.71 -12.56 -13.28
CA THR B 172 -23.54 -12.29 -14.71
C THR B 172 -23.65 -10.80 -14.95
N VAL B 173 -24.71 -10.20 -14.39
CA VAL B 173 -24.90 -8.75 -14.45
C VAL B 173 -23.62 -8.05 -13.98
N GLU B 174 -23.07 -8.54 -12.86
CA GLU B 174 -21.92 -7.93 -12.23
C GLU B 174 -20.58 -8.31 -12.87
N GLN B 175 -20.60 -9.06 -13.98
CA GLN B 175 -19.42 -9.08 -14.87
C GLN B 175 -19.22 -7.74 -15.59
N ASP B 176 -20.23 -6.88 -15.58
CA ASP B 176 -20.06 -5.49 -16.03
C ASP B 176 -20.94 -4.60 -15.17
N HIS B 177 -20.38 -4.16 -14.05
CA HIS B 177 -21.11 -3.37 -13.04
C HIS B 177 -21.71 -2.06 -13.59
N LYS B 178 -21.31 -1.65 -14.81
CA LYS B 178 -21.94 -0.48 -15.45
C LYS B 178 -23.44 -0.71 -15.59
N ASN B 179 -23.82 -1.97 -15.75
CA ASN B 179 -25.24 -2.34 -15.88
C ASN B 179 -25.96 -2.67 -14.59
N SER B 180 -25.32 -2.43 -13.45
CA SER B 180 -25.83 -2.88 -12.17
C SER B 180 -26.93 -1.97 -11.58
N PRO B 181 -27.95 -2.56 -10.94
CA PRO B 181 -28.96 -1.75 -10.28
C PRO B 181 -28.56 -1.41 -8.84
N TYR B 182 -27.43 -1.94 -8.40
CA TYR B 182 -26.97 -1.76 -7.02
C TYR B 182 -26.16 -0.48 -6.85
N ARG B 183 -26.58 0.39 -5.91
CA ARG B 183 -25.82 1.54 -5.40
C ARG B 183 -25.89 1.56 -3.87
N PHE B 184 -24.82 2.02 -3.20
CA PHE B 184 -24.79 2.00 -1.74
C PHE B 184 -24.01 3.19 -1.22
N VAL B 185 -24.71 4.10 -0.53
CA VAL B 185 -24.04 5.20 0.19
C VAL B 185 -24.47 5.17 1.67
N ARG B 186 -23.49 5.20 2.58
CA ARG B 186 -23.79 5.19 4.01
C ARG B 186 -23.40 6.53 4.56
N ASP B 187 -24.28 7.14 5.34
CA ASP B 187 -23.94 8.33 6.14
C ASP B 187 -22.94 7.93 7.20
N THR B 188 -21.66 8.20 6.97
CA THR B 188 -20.63 7.85 7.91
C THR B 188 -19.35 8.58 7.59
N ASP B 189 -18.53 8.78 8.63
CA ASP B 189 -17.20 9.33 8.50
C ASP B 189 -16.15 8.22 8.19
N ARG B 190 -16.50 6.94 8.40
CA ARG B 190 -15.56 5.85 8.08
C ARG B 190 -15.69 5.43 6.61
N LYS B 191 -14.72 5.82 5.78
CA LYS B 191 -14.77 5.53 4.34
C LYS B 191 -14.87 4.05 3.94
N GLU B 192 -14.34 3.16 4.79
CA GLU B 192 -14.43 1.71 4.55
C GLU B 192 -15.88 1.23 4.54
N ASP B 193 -16.79 2.03 5.12
CA ASP B 193 -18.19 1.61 5.24
C ASP B 193 -19.13 2.08 4.13
N THR B 194 -18.59 2.63 3.03
CA THR B 194 -19.46 3.17 2.00
C THR B 194 -18.75 3.10 0.66
N LEU B 195 -19.46 3.32 -0.43
CA LEU B 195 -18.82 3.22 -1.75
C LEU B 195 -18.52 4.59 -2.35
N VAL B 196 -17.33 4.72 -2.95
CA VAL B 196 -16.96 5.93 -3.71
C VAL B 196 -17.84 6.16 -4.94
N ASN B 197 -17.71 7.36 -5.51
CA ASN B 197 -18.45 7.79 -6.70
C ASN B 197 -19.96 7.68 -6.50
N ASP B 198 -20.45 8.27 -5.41
CA ASP B 198 -21.87 8.31 -5.11
C ASP B 198 -22.52 6.91 -5.12
N GLY B 199 -21.82 5.91 -4.57
CA GLY B 199 -22.39 4.57 -4.36
C GLY B 199 -22.09 3.61 -5.48
N PHE B 200 -21.35 4.08 -6.46
CA PHE B 200 -21.03 3.26 -7.63
C PHE B 200 -19.77 2.38 -7.43
N GLY B 201 -18.84 2.84 -6.61
CA GLY B 201 -17.60 2.11 -6.39
C GLY B 201 -16.47 2.58 -7.30
N PRO B 202 -15.29 1.99 -7.16
CA PRO B 202 -14.17 2.57 -7.93
C PRO B 202 -14.19 2.16 -9.43
N ASP B 203 -13.38 2.83 -10.26
CA ASP B 203 -13.30 2.55 -11.70
C ASP B 203 -12.80 1.12 -11.97
N PHE B 204 -13.26 0.50 -13.05
CA PHE B 204 -12.82 -0.86 -13.39
C PHE B 204 -12.93 -1.07 -14.90
N ALA B 205 -12.32 -2.14 -15.41
CA ALA B 205 -12.60 -2.64 -16.74
C ALA B 205 -13.28 -3.99 -16.60
N VAL B 206 -13.91 -4.43 -17.69
CA VAL B 206 -14.59 -5.72 -17.72
C VAL B 206 -13.49 -6.76 -17.78
N THR B 207 -13.57 -7.79 -16.95
CA THR B 207 -12.48 -8.78 -16.91
C THR B 207 -12.96 -10.21 -17.08
N GLY B 208 -14.26 -10.44 -16.88
CA GLY B 208 -14.80 -11.80 -16.80
C GLY B 208 -15.11 -12.17 -15.35
N MET B 209 -14.31 -11.67 -14.40
CA MET B 209 -14.62 -11.83 -12.97
C MET B 209 -15.87 -11.06 -12.60
N THR B 210 -16.44 -11.34 -11.42
CA THR B 210 -17.68 -10.69 -11.02
C THR B 210 -17.40 -9.64 -9.93
N TRP B 211 -18.02 -8.46 -10.10
CA TRP B 211 -17.80 -7.27 -9.26
C TRP B 211 -18.28 -7.52 -7.81
N SER B 212 -17.62 -6.89 -6.85
CA SER B 212 -18.09 -6.90 -5.47
C SER B 212 -18.00 -5.49 -4.89
N ALA B 213 -18.90 -5.14 -3.97
CA ALA B 213 -18.92 -3.82 -3.31
C ALA B 213 -17.99 -3.85 -2.12
N PHE B 214 -18.14 -4.89 -1.29
CA PHE B 214 -17.42 -5.02 -0.03
C PHE B 214 -16.78 -6.42 0.06
N ARG B 215 -15.84 -6.54 0.99
CA ARG B 215 -15.13 -7.78 1.29
C ARG B 215 -15.92 -8.53 2.37
N PRO B 216 -15.55 -9.80 2.64
CA PRO B 216 -16.11 -10.54 3.78
C PRO B 216 -15.83 -9.85 5.13
N SER B 217 -14.89 -8.92 5.18
CA SER B 217 -14.65 -8.11 6.39
C SER B 217 -15.72 -7.06 6.60
N ASP B 218 -16.62 -6.90 5.64
CA ASP B 218 -17.61 -5.82 5.60
C ASP B 218 -17.03 -4.41 5.28
N ASP B 219 -15.73 -4.32 5.01
CA ASP B 219 -15.16 -3.05 4.55
C ASP B 219 -15.18 -3.06 3.05
N CYS B 220 -15.24 -1.87 2.44
CA CYS B 220 -15.37 -1.78 1.00
C CYS B 220 -14.11 -2.22 0.23
N CYS B 221 -14.34 -2.82 -0.93
CA CYS B 221 -13.26 -3.13 -1.88
C CYS B 221 -12.54 -1.88 -2.35
N GLN B 222 -11.21 -1.99 -2.41
CA GLN B 222 -10.37 -0.92 -2.94
C GLN B 222 -10.37 -1.05 -4.44
N TYR B 223 -10.18 -2.26 -4.95
CA TYR B 223 -10.50 -2.54 -6.35
C TYR B 223 -11.59 -3.64 -6.45
N SER B 224 -12.33 -3.65 -7.56
CA SER B 224 -13.64 -4.33 -7.56
C SER B 224 -13.66 -5.83 -7.75
N TYR B 225 -12.58 -6.40 -8.29
CA TYR B 225 -12.51 -7.85 -8.47
C TYR B 225 -11.71 -8.39 -7.34
N LEU B 226 -12.43 -8.95 -6.38
CA LEU B 226 -11.87 -9.46 -5.15
C LEU B 226 -11.51 -10.90 -5.41
N ILE B 227 -10.21 -11.16 -5.46
CA ILE B 227 -9.74 -12.46 -5.94
C ILE B 227 -10.21 -13.65 -5.10
N PRO B 228 -10.06 -13.61 -3.76
CA PRO B 228 -10.58 -14.76 -3.00
C PRO B 228 -12.06 -15.04 -3.23
N SER B 229 -12.87 -13.99 -3.41
CA SER B 229 -14.29 -14.19 -3.58
C SER B 229 -14.63 -14.76 -4.94
N ASN B 230 -13.91 -14.34 -5.99
CA ASN B 230 -14.04 -14.96 -7.32
C ASN B 230 -13.53 -16.41 -7.32
N MET B 231 -12.51 -16.72 -6.51
CA MET B 231 -12.08 -18.12 -6.34
C MET B 231 -13.23 -18.96 -5.73
N PHE B 232 -13.87 -18.44 -4.69
CA PHE B 232 -14.93 -19.16 -4.00
C PHE B 232 -16.08 -19.36 -5.00
N ALA B 233 -16.40 -18.29 -5.74
CA ALA B 233 -17.43 -18.38 -6.78
C ALA B 233 -17.15 -19.50 -7.81
N VAL B 234 -15.93 -19.60 -8.30
CA VAL B 234 -15.59 -20.69 -9.24
C VAL B 234 -15.90 -22.03 -8.58
N VAL B 235 -15.57 -22.17 -7.30
CA VAL B 235 -15.79 -23.44 -6.63
C VAL B 235 -17.28 -23.75 -6.56
N VAL B 236 -18.10 -22.82 -6.09
CA VAL B 236 -19.50 -23.17 -5.85
C VAL B 236 -20.25 -23.32 -7.16
N LEU B 237 -19.75 -22.67 -8.19
CA LEU B 237 -20.39 -22.79 -9.51
C LEU B 237 -20.16 -24.22 -9.99
N GLY B 238 -19.06 -24.84 -9.56
CA GLY B 238 -18.83 -26.28 -9.78
C GLY B 238 -19.82 -27.10 -8.98
N TYR B 239 -20.01 -26.71 -7.71
CA TYR B 239 -21.02 -27.36 -6.89
C TYR B 239 -22.40 -27.34 -7.57
N VAL B 240 -22.78 -26.19 -8.12
CA VAL B 240 -24.10 -26.04 -8.77
C VAL B 240 -24.28 -27.03 -9.93
N GLN B 241 -23.28 -27.11 -10.79
CA GLN B 241 -23.28 -28.12 -11.85
C GLN B 241 -23.51 -29.57 -11.35
N GLU B 242 -22.79 -29.98 -10.31
CA GLU B 242 -22.91 -31.31 -9.70
C GLU B 242 -24.31 -31.55 -9.14
N ILE B 243 -24.83 -30.57 -8.41
CA ILE B 243 -26.12 -30.71 -7.75
C ILE B 243 -27.27 -30.86 -8.75
N PHE B 244 -27.31 -29.98 -9.74
CA PHE B 244 -28.39 -29.99 -10.69
C PHE B 244 -28.37 -31.27 -11.55
N ALA B 245 -27.19 -31.73 -11.94
CA ALA B 245 -27.06 -32.93 -12.76
C ALA B 245 -27.45 -34.16 -11.94
N ALA B 246 -26.90 -34.28 -10.73
CA ALA B 246 -27.17 -35.47 -9.91
C ALA B 246 -28.61 -35.60 -9.48
N LEU B 247 -29.30 -34.47 -9.33
CA LEU B 247 -30.64 -34.48 -8.75
C LEU B 247 -31.76 -34.18 -9.72
N ASN B 248 -31.41 -33.93 -10.97
CA ASN B 248 -32.41 -33.68 -12.00
C ASN B 248 -33.38 -32.62 -11.53
N LEU B 249 -32.84 -31.51 -11.03
CA LEU B 249 -33.67 -30.39 -10.60
C LEU B 249 -34.27 -29.69 -11.83
N ALA B 250 -35.35 -28.95 -11.62
CA ALA B 250 -36.01 -28.18 -12.67
C ALA B 250 -35.02 -27.28 -13.44
N ASP B 251 -35.18 -27.26 -14.76
CA ASP B 251 -34.36 -26.44 -15.65
C ASP B 251 -32.88 -26.77 -15.56
N SER B 252 -32.55 -28.00 -15.17
CA SER B 252 -31.15 -28.34 -14.99
C SER B 252 -30.27 -28.06 -16.22
N GLN B 253 -30.79 -28.25 -17.42
CA GLN B 253 -29.95 -28.13 -18.62
C GLN B 253 -29.43 -26.70 -18.79
N SER B 254 -30.33 -25.71 -18.67
CA SER B 254 -29.93 -24.30 -18.73
C SER B 254 -29.18 -23.77 -17.50
N VAL B 255 -29.47 -24.24 -16.29
CA VAL B 255 -28.74 -23.81 -15.09
C VAL B 255 -27.30 -24.32 -15.15
N ILE B 256 -27.14 -25.61 -15.48
CA ILE B 256 -25.83 -26.20 -15.62
C ILE B 256 -25.05 -25.45 -16.67
N ALA B 257 -25.67 -25.21 -17.84
CA ALA B 257 -25.00 -24.44 -18.91
C ALA B 257 -24.60 -23.01 -18.48
N ASP B 258 -25.51 -22.28 -17.82
CA ASP B 258 -25.20 -20.92 -17.36
C ASP B 258 -24.04 -20.96 -16.34
N ALA B 259 -24.14 -21.88 -15.35
CA ALA B 259 -23.14 -21.96 -14.31
C ALA B 259 -21.80 -22.32 -14.90
N LYS B 260 -21.78 -23.28 -15.82
CA LYS B 260 -20.52 -23.63 -16.47
C LYS B 260 -19.96 -22.44 -17.25
N ARG B 261 -20.80 -21.72 -18.01
CA ARG B 261 -20.32 -20.63 -18.84
C ARG B 261 -19.77 -19.50 -17.91
N LEU B 262 -20.52 -19.18 -16.86
CA LEU B 262 -20.07 -18.20 -15.88
C LEU B 262 -18.74 -18.62 -15.21
N GLN B 263 -18.66 -19.88 -14.76
CA GLN B 263 -17.48 -20.43 -14.11
C GLN B 263 -16.23 -20.27 -15.00
N ASP B 264 -16.35 -20.72 -16.25
CA ASP B 264 -15.27 -20.54 -17.20
C ASP B 264 -14.88 -19.09 -17.39
N GLU B 265 -15.87 -18.20 -17.45
CA GLU B 265 -15.56 -16.78 -17.67
C GLU B 265 -14.82 -16.18 -16.48
N ILE B 266 -15.27 -16.49 -15.27
CA ILE B 266 -14.57 -16.09 -14.05
C ILE B 266 -13.16 -16.70 -14.01
N GLN B 267 -13.04 -18.01 -14.24
CA GLN B 267 -11.74 -18.70 -14.34
C GLN B 267 -10.75 -17.97 -15.29
N GLU B 268 -11.25 -17.64 -16.48
CA GLU B 268 -10.46 -16.93 -17.49
C GLU B 268 -10.08 -15.52 -17.01
N GLY B 269 -10.99 -14.86 -16.31
CA GLY B 269 -10.67 -13.55 -15.68
C GLY B 269 -9.55 -13.62 -14.64
N ILE B 270 -9.62 -14.62 -13.76
CA ILE B 270 -8.56 -14.89 -12.82
C ILE B 270 -7.23 -15.08 -13.57
N LYS B 271 -7.23 -15.94 -14.58
CA LYS B 271 -6.00 -16.24 -15.29
C LYS B 271 -5.39 -14.96 -15.90
N ASN B 272 -6.27 -14.12 -16.46
CA ASN B 272 -5.83 -12.93 -17.12
C ASN B 272 -5.46 -11.78 -16.21
N TYR B 273 -6.03 -11.71 -15.00
CA TYR B 273 -5.97 -10.46 -14.24
C TYR B 273 -5.58 -10.57 -12.77
N ALA B 274 -5.62 -11.78 -12.21
CA ALA B 274 -5.48 -11.97 -10.75
C ALA B 274 -4.03 -12.07 -10.26
N TYR B 275 -3.10 -12.22 -11.20
CA TYR B 275 -1.72 -12.47 -10.82
C TYR B 275 -0.89 -11.19 -10.79
N THR B 276 0.06 -11.15 -9.87
CA THR B 276 0.98 -10.06 -9.84
C THR B 276 2.32 -10.64 -9.43
N THR B 277 3.24 -9.76 -9.04
CA THR B 277 4.58 -10.19 -8.76
C THR B 277 5.03 -9.60 -7.43
N ASN B 278 5.69 -10.40 -6.58
CA ASN B 278 6.16 -9.86 -5.30
C ASN B 278 7.55 -9.20 -5.39
N SER B 279 8.05 -8.74 -4.25
CA SER B 279 9.38 -8.09 -4.16
C SER B 279 10.51 -8.89 -4.84
N LYS B 280 10.52 -10.19 -4.58
CA LYS B 280 11.51 -11.14 -5.14
C LYS B 280 11.29 -11.54 -6.59
N GLY B 281 10.23 -11.04 -7.22
CA GLY B 281 9.96 -11.37 -8.64
C GLY B 281 9.09 -12.60 -8.82
N GLU B 282 8.56 -13.16 -7.74
CA GLU B 282 7.70 -14.36 -7.88
C GLU B 282 6.25 -14.03 -8.24
N LYS B 283 5.68 -14.83 -9.11
CA LYS B 283 4.27 -14.70 -9.46
C LYS B 283 3.42 -15.09 -8.23
N ILE B 284 2.46 -14.23 -7.90
CA ILE B 284 1.59 -14.46 -6.74
C ILE B 284 0.16 -14.04 -7.09
N TYR B 285 -0.80 -14.48 -6.29
CA TYR B 285 -2.17 -13.93 -6.42
C TYR B 285 -2.22 -12.50 -5.83
N ALA B 286 -2.85 -11.57 -6.56
CA ALA B 286 -3.27 -10.29 -5.99
C ALA B 286 -4.49 -10.51 -5.12
N PHE B 287 -4.77 -9.56 -4.22
CA PHE B 287 -5.91 -9.66 -3.33
C PHE B 287 -7.11 -9.06 -4.05
N GLU B 288 -6.98 -7.82 -4.54
CA GLU B 288 -7.99 -7.18 -5.39
C GLU B 288 -7.34 -6.59 -6.63
N VAL B 289 -8.07 -6.58 -7.76
CA VAL B 289 -7.61 -5.98 -9.02
C VAL B 289 -8.77 -5.22 -9.65
N ASP B 290 -8.50 -4.23 -10.51
CA ASP B 290 -9.58 -3.48 -11.16
C ASP B 290 -9.68 -3.75 -12.66
N GLY B 291 -8.77 -4.53 -13.22
CA GLY B 291 -8.81 -4.79 -14.65
C GLY B 291 -8.14 -3.66 -15.43
N LEU B 292 -7.63 -2.64 -14.72
CA LEU B 292 -7.01 -1.49 -15.37
C LEU B 292 -5.53 -1.46 -15.06
N GLY B 293 -5.01 -2.51 -14.43
CA GLY B 293 -3.59 -2.61 -14.12
C GLY B 293 -3.27 -2.51 -12.65
N ASN B 294 -4.21 -2.09 -11.80
CA ASN B 294 -3.93 -2.11 -10.37
C ASN B 294 -4.20 -3.48 -9.73
N ALA B 295 -3.38 -3.84 -8.77
CA ALA B 295 -3.45 -5.15 -8.16
C ALA B 295 -2.79 -5.05 -6.79
N SER B 296 -3.56 -5.17 -5.71
CA SER B 296 -2.99 -5.01 -4.36
C SER B 296 -2.24 -6.27 -3.91
N ILE B 297 -1.18 -6.07 -3.15
CA ILE B 297 -0.46 -7.18 -2.54
C ILE B 297 -0.71 -7.17 -1.02
N MET B 298 -1.57 -8.09 -0.57
CA MET B 298 -2.00 -8.15 0.80
C MET B 298 -2.85 -9.40 0.98
N ASP B 299 -3.35 -9.62 2.20
CA ASP B 299 -4.47 -10.54 2.46
C ASP B 299 -5.23 -10.04 3.68
N ASP B 300 -6.52 -10.35 3.73
CA ASP B 300 -7.37 -10.04 4.87
C ASP B 300 -7.78 -11.33 5.58
N PRO B 301 -7.83 -11.29 6.94
CA PRO B 301 -8.09 -12.53 7.68
C PRO B 301 -9.47 -13.09 7.43
N ASN B 302 -10.43 -12.24 7.06
CA ASN B 302 -11.78 -12.78 6.79
C ASN B 302 -11.81 -13.75 5.60
N VAL B 303 -12.60 -14.82 5.73
CA VAL B 303 -12.67 -15.87 4.71
C VAL B 303 -13.94 -15.60 3.89
N PRO B 304 -13.87 -15.67 2.56
CA PRO B 304 -12.74 -16.14 1.75
C PRO B 304 -11.58 -15.15 1.73
N SER B 305 -10.36 -15.68 1.94
CA SER B 305 -9.14 -14.91 1.83
C SER B 305 -8.23 -15.65 0.85
N LEU B 306 -7.12 -15.02 0.44
CA LEU B 306 -6.12 -15.74 -0.38
C LEU B 306 -5.52 -16.92 0.41
N LEU B 307 -5.18 -16.67 1.69
CA LEU B 307 -4.68 -17.72 2.58
C LEU B 307 -5.58 -18.96 2.60
N ALA B 308 -6.89 -18.75 2.57
CA ALA B 308 -7.90 -19.84 2.62
C ALA B 308 -8.20 -20.55 1.28
N ALA B 309 -7.51 -20.14 0.20
CA ALA B 309 -7.76 -20.75 -1.10
C ALA B 309 -7.83 -22.31 -1.10
N PRO B 310 -6.86 -22.99 -0.47
CA PRO B 310 -6.99 -24.46 -0.51
C PRO B 310 -8.12 -24.97 0.39
N TYR B 311 -8.38 -24.28 1.49
CA TYR B 311 -9.50 -24.64 2.37
C TYR B 311 -10.88 -24.52 1.68
N LEU B 312 -11.02 -23.50 0.85
CA LEU B 312 -12.21 -23.28 0.04
C LEU B 312 -12.31 -24.26 -1.14
N GLY B 313 -11.21 -24.96 -1.44
CA GLY B 313 -11.23 -25.94 -2.54
C GLY B 313 -10.84 -25.35 -3.90
N TYR B 314 -10.25 -24.15 -3.91
CA TYR B 314 -9.90 -23.54 -5.20
C TYR B 314 -8.64 -24.16 -5.78
N CYS B 315 -7.65 -24.45 -4.94
CA CYS B 315 -6.37 -24.97 -5.42
C CYS B 315 -5.78 -25.93 -4.43
N SER B 316 -4.75 -26.66 -4.85
CA SER B 316 -3.99 -27.50 -3.94
C SER B 316 -3.17 -26.63 -3.00
N VAL B 317 -3.02 -27.08 -1.76
CA VAL B 317 -2.07 -26.48 -0.81
C VAL B 317 -0.61 -26.54 -1.36
N ASP B 318 -0.35 -27.56 -2.19
CA ASP B 318 0.93 -27.77 -2.84
C ASP B 318 1.16 -26.83 -4.03
N ASP B 319 0.14 -26.08 -4.44
CA ASP B 319 0.29 -25.27 -5.66
C ASP B 319 1.42 -24.27 -5.47
N GLU B 320 2.25 -24.11 -6.48
CA GLU B 320 3.43 -23.25 -6.41
C GLU B 320 3.10 -21.77 -6.22
N VAL B 321 2.15 -21.25 -7.00
CA VAL B 321 1.73 -19.86 -6.93
C VAL B 321 1.10 -19.62 -5.55
N TYR B 322 0.36 -20.61 -5.05
CA TYR B 322 -0.31 -20.49 -3.76
C TYR B 322 0.76 -20.36 -2.70
N GLN B 323 1.75 -21.24 -2.70
CA GLN B 323 2.84 -21.21 -1.70
C GLN B 323 3.62 -19.86 -1.72
N ALA B 324 3.93 -19.35 -2.90
CA ALA B 324 4.57 -18.04 -3.05
C ALA B 324 3.67 -16.94 -2.51
N THR B 325 2.38 -17.03 -2.81
CA THR B 325 1.42 -16.06 -2.24
C THR B 325 1.41 -16.12 -0.72
N ARG B 326 1.37 -17.33 -0.18
CA ARG B 326 1.33 -17.58 1.26
C ARG B 326 2.55 -17.02 2.01
N ARG B 327 3.76 -17.23 1.48
CA ARG B 327 4.97 -16.64 2.07
C ARG B 327 4.92 -15.11 2.03
N THR B 328 4.32 -14.56 0.99
CA THR B 328 4.18 -13.09 0.90
C THR B 328 3.15 -12.55 1.93
N ILE B 329 2.00 -13.23 2.01
CA ILE B 329 0.92 -12.87 2.95
C ILE B 329 1.40 -12.93 4.39
N LEU B 330 2.16 -13.98 4.71
CA LEU B 330 2.65 -14.16 6.07
C LEU B 330 4.04 -13.51 6.24
N SER B 331 4.14 -12.25 5.86
CA SER B 331 5.40 -11.50 5.95
C SER B 331 5.02 -10.05 5.93
N SER B 332 5.96 -9.19 6.32
CA SER B 332 5.66 -7.78 6.37
C SER B 332 5.49 -7.14 4.98
N GLU B 333 5.74 -7.88 3.91
CA GLU B 333 5.32 -7.38 2.55
C GLU B 333 3.79 -7.19 2.45
N ASN B 334 3.04 -7.93 3.28
CA ASN B 334 1.60 -7.74 3.46
C ASN B 334 1.43 -6.68 4.54
N PRO B 335 0.84 -5.52 4.21
CA PRO B 335 0.72 -4.41 5.18
C PRO B 335 -0.16 -4.77 6.39
N TYR B 336 -0.96 -5.82 6.28
CA TYR B 336 -1.77 -6.26 7.40
C TYR B 336 -1.10 -7.38 8.23
N PHE B 337 0.17 -7.71 7.95
CA PHE B 337 0.92 -8.72 8.74
C PHE B 337 1.56 -8.02 9.93
N TYR B 338 1.21 -8.44 11.15
CA TYR B 338 1.70 -7.74 12.32
C TYR B 338 2.42 -8.72 13.19
N GLN B 339 3.48 -8.25 13.83
CA GLN B 339 4.35 -9.09 14.64
C GLN B 339 4.48 -8.53 16.04
N GLY B 340 4.37 -9.41 17.04
CA GLY B 340 4.58 -8.99 18.42
C GLY B 340 5.04 -10.09 19.34
N GLU B 341 4.99 -9.83 20.65
CA GLU B 341 5.64 -10.72 21.61
C GLU B 341 4.95 -12.05 21.69
N TYR B 342 3.63 -12.05 21.59
CA TYR B 342 2.88 -13.29 21.82
C TYR B 342 2.59 -14.03 20.50
N ALA B 343 2.49 -13.29 19.41
CA ALA B 343 2.15 -13.92 18.13
C ALA B 343 2.44 -13.02 16.95
N SER B 344 2.38 -13.64 15.78
CA SER B 344 2.39 -12.95 14.53
C SER B 344 1.23 -13.49 13.68
N GLY B 345 0.67 -12.64 12.86
CA GLY B 345 -0.50 -13.01 12.10
C GLY B 345 -1.11 -11.82 11.38
N LEU B 346 -2.39 -11.95 11.04
CA LEU B 346 -3.05 -11.03 10.11
C LEU B 346 -4.02 -10.11 10.82
N GLY B 347 -3.87 -8.80 10.62
CA GLY B 347 -4.86 -7.88 11.08
C GLY B 347 -5.73 -7.50 9.88
N SER B 348 -6.56 -6.47 10.06
CA SER B 348 -7.55 -6.08 9.08
C SER B 348 -7.78 -4.57 9.11
N SER B 349 -8.29 -4.01 8.01
CA SER B 349 -8.68 -2.60 7.97
C SER B 349 -9.84 -2.36 8.95
N HIS B 350 -10.54 -3.44 9.26
CA HIS B 350 -11.72 -3.45 10.11
C HIS B 350 -11.36 -3.42 11.62
N THR B 351 -10.09 -3.72 11.97
CA THR B 351 -9.70 -3.82 13.39
C THR B 351 -8.50 -2.94 13.69
N PHE B 352 -8.13 -2.78 14.97
CA PHE B 352 -7.08 -1.81 15.31
C PHE B 352 -5.72 -2.31 14.88
N TYR B 353 -4.81 -1.37 14.65
CA TYR B 353 -3.42 -1.73 14.33
C TYR B 353 -2.80 -2.58 15.44
N ARG B 354 -1.99 -3.55 15.05
CA ARG B 354 -1.36 -4.49 15.97
C ARG B 354 -2.30 -5.64 16.46
N TYR B 355 -3.59 -5.61 16.09
CA TYR B 355 -4.50 -6.71 16.45
C TYR B 355 -4.62 -7.72 15.32
N ILE B 356 -4.38 -9.01 15.63
CA ILE B 356 -4.48 -10.06 14.62
C ILE B 356 -5.67 -10.98 14.91
N TRP B 357 -6.10 -11.72 13.87
CA TRP B 357 -7.33 -12.51 13.93
C TRP B 357 -7.11 -14.00 14.20
N PRO B 358 -7.70 -14.50 15.29
CA PRO B 358 -7.72 -15.97 15.45
C PRO B 358 -8.22 -16.74 14.22
N ILE B 359 -9.22 -16.23 13.51
CA ILE B 359 -9.68 -16.90 12.29
C ILE B 359 -8.59 -17.16 11.28
N ALA B 360 -7.71 -16.19 11.06
CA ALA B 360 -6.58 -16.38 10.14
C ALA B 360 -5.49 -17.33 10.70
N LEU B 361 -5.30 -17.38 12.02
CA LEU B 361 -4.42 -18.44 12.58
C LEU B 361 -5.04 -19.82 12.30
N SER B 362 -6.34 -19.96 12.52
CA SER B 362 -7.03 -21.24 12.26
C SER B 362 -6.91 -21.62 10.80
N ILE B 363 -7.12 -20.67 9.90
CA ILE B 363 -7.06 -20.92 8.46
C ILE B 363 -5.63 -21.25 8.07
N GLN B 364 -4.65 -20.58 8.70
CA GLN B 364 -3.23 -20.92 8.49
C GLN B 364 -2.93 -22.40 8.80
N GLY B 365 -3.48 -22.91 9.90
CA GLY B 365 -3.23 -24.29 10.26
C GLY B 365 -4.03 -25.20 9.36
N LEU B 366 -5.18 -24.72 8.90
CA LEU B 366 -6.04 -25.49 8.00
C LEU B 366 -5.45 -25.64 6.59
N THR B 367 -4.43 -24.85 6.28
CA THR B 367 -3.87 -24.81 4.92
C THR B 367 -2.34 -25.07 4.94
N THR B 368 -1.91 -25.90 5.88
CA THR B 368 -0.58 -26.47 5.81
C THR B 368 -0.73 -27.95 6.03
N ARG B 369 0.16 -28.76 5.45
CA ARG B 369 0.18 -30.20 5.69
C ARG B 369 0.95 -30.50 6.98
N ASP B 370 1.71 -29.53 7.47
CA ASP B 370 2.58 -29.75 8.62
C ASP B 370 1.82 -29.85 9.97
N LYS B 371 1.65 -31.09 10.50
CA LYS B 371 0.97 -31.32 11.79
C LYS B 371 1.58 -30.51 12.94
N ALA B 372 2.92 -30.42 12.99
CA ALA B 372 3.60 -29.56 13.95
C ALA B 372 3.16 -28.09 13.87
N GLU B 373 3.02 -27.55 12.65
CA GLU B 373 2.56 -26.16 12.49
C GLU B 373 1.12 -26.04 12.98
N LYS B 374 0.29 -27.05 12.68
CA LYS B 374 -1.09 -27.10 13.14
C LYS B 374 -1.14 -27.06 14.66
N LYS B 375 -0.36 -27.94 15.31
CA LYS B 375 -0.31 -28.02 16.79
C LYS B 375 0.18 -26.71 17.42
N PHE B 376 1.25 -26.16 16.88
CA PHE B 376 1.75 -24.83 17.33
C PHE B 376 0.66 -23.74 17.26
N LEU B 377 -0.08 -23.73 16.16
CA LEU B 377 -1.12 -22.71 15.96
C LEU B 377 -2.30 -22.92 16.92
N LEU B 378 -2.68 -24.17 17.15
CA LEU B 378 -3.71 -24.45 18.15
C LEU B 378 -3.26 -24.05 19.55
N ASP B 379 -1.98 -24.34 19.90
CA ASP B 379 -1.47 -23.95 21.22
C ASP B 379 -1.50 -22.42 21.32
N GLN B 380 -1.10 -21.75 20.25
CA GLN B 380 -1.07 -20.28 20.24
C GLN B 380 -2.49 -19.71 20.40
N LEU B 381 -3.46 -20.31 19.70
CA LEU B 381 -4.86 -19.88 19.77
C LEU B 381 -5.40 -19.88 21.22
N VAL B 382 -5.14 -20.97 21.96
CA VAL B 382 -5.62 -21.06 23.33
C VAL B 382 -4.82 -20.16 24.30
N ALA B 383 -3.52 -20.01 24.05
CA ALA B 383 -2.68 -19.16 24.88
C ALA B 383 -3.05 -17.68 24.70
N CYS B 384 -3.55 -17.32 23.52
CA CYS B 384 -3.87 -15.91 23.27
C CYS B 384 -5.36 -15.60 23.42
N ASP B 385 -6.02 -16.27 24.36
CA ASP B 385 -7.46 -16.09 24.55
C ASP B 385 -7.78 -15.05 25.61
N GLY B 386 -6.78 -14.38 26.17
CA GLY B 386 -7.04 -13.43 27.28
C GLY B 386 -7.70 -14.05 28.51
N GLY B 387 -7.56 -15.37 28.71
CA GLY B 387 -8.15 -16.06 29.90
C GLY B 387 -9.64 -16.36 29.76
N THR B 388 -10.22 -16.04 28.60
CA THR B 388 -11.68 -16.20 28.38
C THR B 388 -12.13 -17.62 27.99
N GLY B 389 -11.18 -18.43 27.48
CA GLY B 389 -11.51 -19.79 26.98
C GLY B 389 -12.30 -19.84 25.67
N VAL B 390 -12.37 -18.73 24.93
CA VAL B 390 -13.09 -18.71 23.63
C VAL B 390 -12.25 -17.87 22.68
N MET B 391 -12.72 -17.76 21.42
CA MET B 391 -11.98 -17.08 20.36
C MET B 391 -12.57 -15.71 20.12
N HIS B 392 -11.69 -14.75 19.95
CA HIS B 392 -12.09 -13.40 19.66
C HIS B 392 -11.94 -13.04 18.18
N GLU B 393 -12.41 -11.86 17.81
CA GLU B 393 -12.26 -11.35 16.42
C GLU B 393 -10.79 -10.98 16.17
N SER B 394 -10.19 -10.24 17.11
CA SER B 394 -8.80 -9.86 17.01
C SER B 394 -8.22 -9.67 18.39
N PHE B 395 -6.90 -9.83 18.52
CA PHE B 395 -6.23 -9.61 19.80
C PHE B 395 -4.91 -8.93 19.56
N HIS B 396 -4.48 -8.11 20.51
CA HIS B 396 -3.21 -7.39 20.33
C HIS B 396 -2.01 -8.34 20.42
N VAL B 397 -1.12 -8.28 19.43
CA VAL B 397 0.08 -9.16 19.37
C VAL B 397 1.00 -9.10 20.60
N ASP B 398 1.01 -7.94 21.28
CA ASP B 398 1.84 -7.76 22.47
C ASP B 398 1.07 -8.02 23.77
N ASP B 399 -0.25 -8.18 23.67
CA ASP B 399 -1.04 -8.40 24.88
C ASP B 399 -2.45 -8.90 24.49
N PRO B 400 -2.63 -10.22 24.42
CA PRO B 400 -3.92 -10.81 24.04
C PRO B 400 -5.11 -10.62 25.05
N THR B 401 -4.89 -10.01 26.22
CA THR B 401 -6.04 -9.57 27.05
C THR B 401 -6.67 -8.33 26.48
N LEU B 402 -6.02 -7.74 25.47
CA LEU B 402 -6.60 -6.68 24.69
C LEU B 402 -7.14 -7.33 23.43
N TYR B 403 -8.46 -7.28 23.22
CA TYR B 403 -9.05 -7.98 22.10
C TYR B 403 -10.38 -7.38 21.72
N SER B 404 -10.86 -7.71 20.53
CA SER B 404 -12.17 -7.28 20.11
C SER B 404 -13.12 -8.48 19.95
N ARG B 405 -14.39 -8.21 20.28
CA ARG B 405 -15.53 -9.14 20.23
C ARG B 405 -15.48 -10.30 21.22
N GLU B 406 -16.11 -10.08 22.36
CA GLU B 406 -16.23 -11.08 23.42
C GLU B 406 -16.80 -12.41 22.90
N TRP B 407 -17.89 -12.32 22.14
CA TRP B 407 -18.53 -13.49 21.59
C TRP B 407 -18.54 -13.47 20.09
N PHE B 408 -17.66 -14.27 19.51
CA PHE B 408 -17.53 -14.29 18.03
C PHE B 408 -17.59 -15.74 17.55
N SER B 409 -18.81 -16.21 17.24
CA SER B 409 -19.08 -17.63 16.95
C SER B 409 -18.32 -18.15 15.73
N TRP B 410 -18.21 -17.29 14.71
CA TRP B 410 -17.46 -17.67 13.52
C TRP B 410 -16.03 -18.06 13.91
N ALA B 411 -15.36 -17.26 14.73
CA ALA B 411 -13.99 -17.59 15.13
C ALA B 411 -13.91 -18.80 16.05
N ASN B 412 -14.91 -18.94 16.93
CA ASN B 412 -15.06 -20.12 17.78
C ASN B 412 -15.10 -21.38 16.94
N MET B 413 -15.85 -21.32 15.85
CA MET B 413 -16.09 -22.52 15.05
C MET B 413 -14.92 -22.84 14.11
N MET B 414 -14.21 -21.82 13.65
CA MET B 414 -12.99 -22.04 12.88
C MET B 414 -11.91 -22.66 13.76
N PHE B 415 -11.89 -22.30 15.04
CA PHE B 415 -11.03 -23.04 15.97
C PHE B 415 -11.41 -24.54 16.00
N CYS B 416 -12.71 -24.81 16.12
CA CYS B 416 -13.15 -26.20 16.17
C CYS B 416 -12.69 -26.93 14.90
N GLU B 417 -12.75 -26.23 13.75
CA GLU B 417 -12.34 -26.83 12.49
C GLU B 417 -10.88 -27.27 12.45
N LEU B 418 -9.99 -26.44 12.96
CA LEU B 418 -8.57 -26.80 13.02
C LEU B 418 -8.35 -28.01 13.93
N VAL B 419 -9.00 -28.03 15.08
CA VAL B 419 -8.91 -29.16 16.02
C VAL B 419 -9.34 -30.45 15.32
N LEU B 420 -10.50 -30.45 14.69
CA LEU B 420 -10.99 -31.65 13.97
C LEU B 420 -10.03 -32.08 12.87
N ASP B 421 -9.54 -31.10 12.11
CA ASP B 421 -8.59 -31.37 11.06
C ASP B 421 -7.30 -31.99 11.64
N TYR B 422 -6.82 -31.45 12.76
CA TYR B 422 -5.58 -31.93 13.32
C TYR B 422 -5.75 -33.40 13.77
N LEU B 423 -6.94 -33.73 14.27
CA LEU B 423 -7.25 -35.07 14.77
C LEU B 423 -7.68 -36.01 13.65
N ASP B 424 -7.66 -35.53 12.39
CA ASP B 424 -8.09 -36.34 11.24
C ASP B 424 -9.54 -36.81 11.40
N ILE B 425 -10.38 -35.94 11.93
CA ILE B 425 -11.78 -36.24 11.98
C ILE B 425 -12.36 -35.51 10.79
N ARG B 426 -12.75 -36.30 9.81
CA ARG B 426 -13.36 -35.84 8.60
C ARG B 426 -14.23 -36.97 8.00
C1 EDO C . 17.33 9.10 -23.11
O1 EDO C . 17.37 7.70 -22.78
C2 EDO C . 17.63 9.94 -21.86
O2 EDO C . 19.03 10.28 -21.77
C1 EDO D . 17.53 45.03 9.74
O1 EDO D . 16.61 44.07 10.26
C2 EDO D . 17.31 44.99 8.23
O2 EDO D . 17.92 46.10 7.56
C1 EDO E . 23.81 -0.33 -23.50
O1 EDO E . 23.77 -1.42 -22.57
C2 EDO E . 22.43 0.09 -24.03
O2 EDO E . 21.80 -0.86 -24.91
C1 EDO F . 28.35 13.09 11.99
O1 EDO F . 29.02 12.47 13.10
C2 EDO F . 26.96 12.51 11.76
O2 EDO F . 26.05 12.69 12.87
C1 EDO G . 39.68 18.66 -17.07
O1 EDO G . 40.63 18.57 -18.14
C2 EDO G . 38.29 18.30 -17.59
O2 EDO G . 38.02 16.95 -17.22
C1 EDO H . 44.12 10.63 -16.22
O1 EDO H . 44.69 11.98 -16.23
C2 EDO H . 42.77 10.46 -16.92
O2 EDO H . 43.00 9.64 -18.09
C1 EDO I . 29.47 18.70 -1.00
O1 EDO I . 28.94 17.45 -0.49
C2 EDO I . 28.79 19.91 -0.38
O2 EDO I . 29.10 20.00 1.02
C1 EDO J . 15.60 42.97 -7.43
O1 EDO J . 14.89 42.93 -8.68
C2 EDO J . 14.64 42.96 -6.25
O2 EDO J . 13.74 41.88 -6.43
C1 EDO K . 32.14 14.86 0.71
O1 EDO K . 31.41 16.04 1.16
C2 EDO K . 31.24 13.65 0.45
O2 EDO K . 30.63 13.57 -0.87
C1 EDO L . 17.98 21.35 11.31
O1 EDO L . 17.20 22.05 12.28
C2 EDO L . 18.17 19.92 11.77
O2 EDO L . 16.89 19.33 12.05
C1 EDO M . -17.81 -32.08 29.93
O1 EDO M . -16.96 -32.86 29.09
C2 EDO M . -17.09 -31.79 31.25
O2 EDO M . -16.43 -32.97 31.70
C1 EDO N . -17.58 -30.06 5.45
O1 EDO N . -16.73 -31.05 4.83
C2 EDO N . -17.30 -30.01 6.95
O2 EDO N . -15.96 -29.51 7.21
C1 EDO O . -11.42 -10.63 29.59
O1 EDO O . -10.02 -11.04 29.46
C2 EDO O . -11.75 -9.18 29.19
O2 EDO O . -11.34 -8.18 30.15
C1 EDO P . -15.54 -38.93 16.88
O1 EDO P . -14.77 -40.12 16.70
C2 EDO P . -15.49 -38.16 15.60
O2 EDO P . -15.71 -39.05 14.52
C1 EDO Q . -4.18 -31.72 -3.23
O1 EDO Q . -5.06 -31.45 -4.33
C2 EDO Q . -4.88 -31.31 -1.95
O2 EDO Q . -5.09 -32.46 -1.09
C1 EDO R . -16.58 9.98 -4.00
O1 EDO R . -15.31 9.66 -3.41
C2 EDO R . -17.58 10.23 -2.88
O2 EDO R . -18.88 10.08 -3.44
C1 EDO S . -39.76 -19.68 -6.12
O1 EDO S . -40.10 -18.50 -5.39
C2 EDO S . -40.34 -20.91 -5.46
O2 EDO S . -41.61 -21.23 -6.03
#